data_9P6K
#
_entry.id   9P6K
#
_cell.length_a   49.372
_cell.length_b   88.781
_cell.length_c   97.902
_cell.angle_alpha   90.000
_cell.angle_beta   99.730
_cell.angle_gamma   90.000
#
_symmetry.space_group_name_H-M   'P 1 21 1'
#
_entity_poly.entity_id   1
_entity_poly.type   'polypeptide(L)'
_entity_poly.pdbx_seq_one_letter_code
;MASTYKVHYFDFTGRAEPIRMILSYGKLDFEDVRVSREEFQKLKPTLPLGQLPVLEFQGHMIPQSTAICRFLANKANLSG
KDEFENLKIDVAVDTIEDLKKKVSEWAYEKNEEKKKALEETTLKEHVPFFLKKLEIHAEKNGGYLALNRISWADIIFLCA
YETLGNMLKKDILIDYPNLTKVKQNILEVPSIKEWIKKRPTNPMLSFDLKSQVLEHHHHHH
;
_entity_poly.pdbx_strand_id   A,B,C,D
#
# COMPACT_ATOMS: atom_id res chain seq x y z
N THR A 4 -2.46 8.32 -9.64
CA THR A 4 -3.12 9.46 -9.03
C THR A 4 -4.47 9.04 -8.47
N TYR A 5 -4.88 9.67 -7.38
CA TYR A 5 -6.22 9.51 -6.84
C TYR A 5 -7.26 10.22 -7.71
N LYS A 6 -8.43 9.60 -7.90
CA LYS A 6 -9.59 10.29 -8.42
C LYS A 6 -10.77 10.18 -7.48
N VAL A 7 -11.38 11.31 -7.13
CA VAL A 7 -12.55 11.32 -6.25
C VAL A 7 -13.79 11.50 -7.12
N HIS A 8 -14.58 10.46 -7.25
CA HIS A 8 -15.84 10.53 -7.97
C HIS A 8 -16.97 10.87 -7.01
N TYR A 9 -17.62 12.02 -7.22
CA TYR A 9 -18.79 12.40 -6.43
C TYR A 9 -19.64 13.42 -7.17
N PHE A 10 -20.81 13.68 -6.61
CA PHE A 10 -21.67 14.77 -7.04
C PHE A 10 -20.98 16.12 -6.82
N ASP A 11 -21.50 17.15 -7.45
CA ASP A 11 -20.97 18.48 -7.19
C ASP A 11 -21.38 19.11 -5.85
N PHE A 12 -21.15 18.44 -4.71
CA PHE A 12 -21.27 19.17 -3.46
C PHE A 12 -20.39 18.60 -2.34
N THR A 13 -20.15 19.43 -1.31
CA THR A 13 -19.32 19.04 -0.15
C THR A 13 -20.11 18.05 0.68
N GLY A 14 -20.35 16.85 0.13
CA GLY A 14 -21.16 15.84 0.81
C GLY A 14 -20.27 14.87 1.55
N ARG A 15 -20.31 13.58 1.21
CA ARG A 15 -19.56 12.58 1.94
C ARG A 15 -18.12 12.59 1.43
N ALA A 16 -17.91 13.24 0.30
CA ALA A 16 -16.59 13.36 -0.30
C ALA A 16 -15.78 14.51 0.22
N GLU A 17 -16.40 15.54 0.80
CA GLU A 17 -15.60 16.67 1.25
C GLU A 17 -14.50 16.27 2.22
N PRO A 18 -14.73 15.39 3.18
CA PRO A 18 -13.62 14.95 4.04
C PRO A 18 -12.55 14.23 3.28
N ILE A 19 -12.91 13.48 2.21
CA ILE A 19 -11.93 12.81 1.37
C ILE A 19 -11.04 13.85 0.70
N ARG A 20 -11.67 14.85 0.10
CA ARG A 20 -10.93 15.90 -0.58
C ARG A 20 -10.03 16.62 0.38
N MET A 21 -10.54 16.94 1.56
CA MET A 21 -9.74 17.67 2.53
C MET A 21 -8.58 16.85 3.08
N ILE A 22 -8.76 15.55 3.29
CA ILE A 22 -7.64 14.73 3.71
C ILE A 22 -6.59 14.62 2.61
N LEU A 23 -7.02 14.42 1.36
CA LEU A 23 -6.08 14.39 0.23
C LEU A 23 -5.31 15.70 0.12
N SER A 24 -6.01 16.83 0.25
CA SER A 24 -5.35 18.12 0.22
C SER A 24 -4.36 18.29 1.36
N TYR A 25 -4.75 17.90 2.57
CA TYR A 25 -3.82 17.99 3.69
C TYR A 25 -2.52 17.26 3.40
N GLY A 26 -2.60 16.04 2.89
CA GLY A 26 -1.44 15.25 2.58
C GLY A 26 -0.68 15.65 1.33
N LYS A 27 -1.14 16.68 0.63
CA LYS A 27 -0.60 17.07 -0.67
C LYS A 27 -0.51 15.90 -1.65
N LEU A 28 -1.53 15.08 -1.66
CA LEU A 28 -1.64 13.95 -2.56
C LEU A 28 -2.40 14.42 -3.81
N ASP A 29 -1.73 14.48 -4.95
CA ASP A 29 -2.37 14.95 -6.18
C ASP A 29 -3.58 14.07 -6.53
N PHE A 30 -4.71 14.73 -6.81
CA PHE A 30 -5.95 14.05 -7.16
C PHE A 30 -6.86 14.79 -8.14
N GLU A 31 -7.65 14.00 -8.86
CA GLU A 31 -8.77 14.48 -9.67
C GLU A 31 -10.11 14.47 -8.92
N ASP A 32 -10.78 15.63 -8.90
CA ASP A 32 -12.12 15.78 -8.33
C ASP A 32 -13.20 15.65 -9.41
N VAL A 33 -13.64 14.42 -9.68
CA VAL A 33 -14.62 14.15 -10.75
C VAL A 33 -16.03 14.43 -10.24
N ARG A 34 -16.59 15.59 -10.61
CA ARG A 34 -17.93 15.99 -10.16
C ARG A 34 -19.02 15.57 -11.16
N VAL A 35 -19.84 14.61 -10.76
CA VAL A 35 -20.84 13.93 -11.58
C VAL A 35 -22.23 14.52 -11.30
N SER A 36 -22.93 14.95 -12.34
CA SER A 36 -24.32 15.35 -12.16
C SER A 36 -25.21 14.14 -11.83
N ARG A 37 -26.44 14.42 -11.40
CA ARG A 37 -27.41 13.37 -11.09
C ARG A 37 -27.78 12.49 -12.29
N GLU A 38 -27.83 13.04 -13.49
CA GLU A 38 -28.15 12.21 -14.64
C GLU A 38 -27.01 11.26 -14.93
N GLU A 39 -25.78 11.78 -14.94
CA GLU A 39 -24.63 10.90 -15.12
C GLU A 39 -24.58 9.87 -14.01
N PHE A 40 -24.94 10.26 -12.79
CA PHE A 40 -25.00 9.30 -11.72
C PHE A 40 -26.01 8.19 -11.98
N GLN A 41 -27.17 8.51 -12.55
CA GLN A 41 -28.13 7.46 -12.88
C GLN A 41 -27.59 6.48 -13.91
N LYS A 42 -26.82 7.01 -14.84
CA LYS A 42 -26.20 6.19 -15.89
C LYS A 42 -25.05 5.35 -15.33
N LEU A 43 -24.30 5.90 -14.39
CA LEU A 43 -23.17 5.23 -13.77
C LEU A 43 -23.56 4.22 -12.71
N LYS A 44 -24.66 4.45 -12.02
CA LYS A 44 -25.00 3.62 -10.86
C LYS A 44 -24.88 2.12 -11.06
N PRO A 45 -25.30 1.54 -12.18
CA PRO A 45 -25.13 0.09 -12.34
C PRO A 45 -23.68 -0.38 -12.38
N THR A 46 -22.73 0.51 -12.69
CA THR A 46 -21.29 0.22 -12.76
C THR A 46 -20.55 0.55 -11.45
N LEU A 47 -21.19 1.23 -10.52
CA LEU A 47 -20.60 1.62 -9.23
C LEU A 47 -20.60 0.44 -8.28
N PRO A 48 -19.52 0.22 -7.53
CA PRO A 48 -19.43 -1.01 -6.72
C PRO A 48 -20.63 -1.27 -5.85
N LEU A 49 -21.23 -0.21 -5.30
CA LEU A 49 -22.43 -0.30 -4.48
C LEU A 49 -23.56 0.49 -5.10
N GLY A 50 -23.40 0.91 -6.36
CA GLY A 50 -24.39 1.78 -6.97
C GLY A 50 -24.50 3.08 -6.24
N GLN A 51 -23.42 3.48 -5.62
CA GLN A 51 -23.42 4.59 -4.71
C GLN A 51 -22.23 5.45 -4.99
N LEU A 52 -22.32 6.74 -4.64
CA LEU A 52 -21.15 7.67 -4.62
C LEU A 52 -20.96 8.09 -3.16
N PRO A 53 -19.76 8.51 -2.75
CA PRO A 53 -18.52 8.67 -3.49
C PRO A 53 -17.75 7.38 -3.79
N VAL A 54 -16.87 7.43 -4.77
CA VAL A 54 -15.92 6.35 -4.98
C VAL A 54 -14.53 6.95 -5.12
N LEU A 55 -13.54 6.28 -4.51
CA LEU A 55 -12.14 6.61 -4.77
C LEU A 55 -11.59 5.68 -5.85
N GLU A 56 -11.16 6.24 -6.97
CA GLU A 56 -10.35 5.53 -7.95
C GLU A 56 -8.89 5.62 -7.56
N PHE A 57 -8.27 4.47 -7.33
CA PHE A 57 -6.88 4.34 -6.95
C PHE A 57 -6.32 3.04 -7.49
N GLN A 58 -5.19 3.17 -8.16
CA GLN A 58 -4.53 2.03 -8.78
C GLN A 58 -5.52 1.25 -9.65
N GLY A 59 -6.40 1.95 -10.36
CA GLY A 59 -7.35 1.22 -11.18
C GLY A 59 -8.50 0.58 -10.41
N HIS A 60 -8.59 0.79 -9.10
CA HIS A 60 -9.66 0.23 -8.31
C HIS A 60 -10.72 1.29 -8.06
N MET A 61 -11.99 0.91 -8.16
CA MET A 61 -13.10 1.73 -7.66
C MET A 61 -13.44 1.31 -6.21
N ILE A 62 -13.07 2.14 -5.24
CA ILE A 62 -13.23 1.82 -3.82
C ILE A 62 -14.41 2.61 -3.26
N PRO A 63 -15.47 1.96 -2.79
CA PRO A 63 -16.57 2.68 -2.15
C PRO A 63 -16.36 2.95 -0.67
N GLN A 64 -17.40 3.50 0.00
CA GLN A 64 -17.47 3.74 1.46
C GLN A 64 -16.56 4.85 2.02
N SER A 65 -17.08 6.06 2.06
CA SER A 65 -16.27 7.23 2.44
C SER A 65 -15.50 7.12 3.75
N THR A 66 -16.09 6.58 4.80
CA THR A 66 -15.35 6.53 6.07
C THR A 66 -14.18 5.58 6.00
N ALA A 67 -14.34 4.45 5.32
CA ALA A 67 -13.23 3.54 5.16
C ALA A 67 -12.11 4.18 4.35
N ILE A 68 -12.50 4.90 3.30
CA ILE A 68 -11.56 5.66 2.49
C ILE A 68 -10.84 6.71 3.33
N CYS A 69 -11.57 7.46 4.13
CA CYS A 69 -10.91 8.44 4.98
C CYS A 69 -9.92 7.82 5.94
N ARG A 70 -10.28 6.72 6.58
CA ARG A 70 -9.32 6.06 7.44
C ARG A 70 -8.09 5.59 6.69
N PHE A 71 -8.27 5.04 5.48
CA PHE A 71 -7.16 4.60 4.64
C PHE A 71 -6.21 5.72 4.23
N LEU A 72 -6.77 6.83 3.75
CA LEU A 72 -5.98 7.97 3.29
C LEU A 72 -5.30 8.67 4.45
N ALA A 73 -5.89 8.62 5.62
CA ALA A 73 -5.25 9.19 6.79
C ALA A 73 -3.86 8.61 7.05
N ASN A 74 -3.61 7.34 6.74
CA ASN A 74 -2.24 6.83 6.88
C ASN A 74 -1.25 7.52 5.93
N LYS A 75 -1.66 7.76 4.71
CA LYS A 75 -0.83 8.46 3.76
C LYS A 75 -0.59 9.94 4.11
N ALA A 76 -1.53 10.60 4.80
CA ALA A 76 -1.44 12.01 5.13
C ALA A 76 -0.95 12.25 6.56
N ASN A 77 -0.47 11.24 7.26
CA ASN A 77 -0.05 11.41 8.66
C ASN A 77 -1.19 11.96 9.56
N LEU A 78 -2.43 11.65 9.21
CA LEU A 78 -3.60 12.01 10.01
C LEU A 78 -4.08 10.84 10.86
N SER A 79 -3.38 9.72 10.83
CA SER A 79 -3.77 8.56 11.62
C SER A 79 -3.05 8.57 12.96
N GLY A 80 -3.50 7.72 13.86
CA GLY A 80 -2.78 7.51 15.11
C GLY A 80 -1.52 6.70 14.95
N LYS A 81 -0.62 6.87 15.92
CA LYS A 81 0.62 6.14 16.00
C LYS A 81 0.47 4.70 16.51
N ASP A 82 -0.62 4.40 17.18
CA ASP A 82 -0.82 3.07 17.73
C ASP A 82 -2.30 2.69 17.64
N GLU A 83 -2.60 1.44 18.03
CA GLU A 83 -3.97 0.95 18.00
C GLU A 83 -4.92 1.77 18.86
N PHE A 84 -4.42 2.32 19.98
CA PHE A 84 -5.27 3.02 20.92
C PHE A 84 -5.56 4.45 20.49
N GLU A 85 -4.60 5.13 19.88
CA GLU A 85 -4.91 6.42 19.29
C GLU A 85 -5.92 6.29 18.17
N ASN A 86 -5.76 5.25 17.37
CA ASN A 86 -6.73 4.97 16.34
C ASN A 86 -8.09 4.68 16.93
N LEU A 87 -8.15 3.87 17.99
CA LEU A 87 -9.45 3.71 18.62
C LEU A 87 -10.06 5.05 19.05
N LYS A 88 -9.30 5.96 19.66
CA LYS A 88 -9.88 7.23 20.03
C LYS A 88 -10.38 8.05 18.84
N ILE A 89 -9.69 7.98 17.76
CA ILE A 89 -10.17 8.72 16.61
C ILE A 89 -11.45 8.09 16.08
N ASP A 90 -11.44 6.77 15.99
CA ASP A 90 -12.61 6.07 15.49
C ASP A 90 -13.81 6.40 16.33
N VAL A 91 -13.66 6.41 17.66
CA VAL A 91 -14.74 6.78 18.58
C VAL A 91 -15.27 8.19 18.32
N ALA A 92 -14.35 9.14 18.08
CA ALA A 92 -14.78 10.50 17.77
C ALA A 92 -15.48 10.58 16.43
N VAL A 93 -14.98 9.87 15.42
CA VAL A 93 -15.62 9.89 14.11
C VAL A 93 -17.04 9.32 14.23
N ASP A 94 -17.17 8.16 14.88
CA ASP A 94 -18.50 7.54 14.98
C ASP A 94 -19.46 8.41 15.81
N THR A 95 -18.97 9.07 16.85
CA THR A 95 -19.80 10.05 17.56
C THR A 95 -20.24 11.21 16.68
N ILE A 96 -19.37 11.68 15.83
CA ILE A 96 -19.78 12.75 14.95
C ILE A 96 -20.80 12.25 13.96
N GLU A 97 -20.62 11.02 13.45
CA GLU A 97 -21.55 10.40 12.51
C GLU A 97 -22.91 10.17 13.14
N ASP A 98 -22.97 9.79 14.42
CA ASP A 98 -24.24 9.66 15.13
C ASP A 98 -24.97 10.98 15.21
N LEU A 99 -24.25 12.02 15.56
CA LEU A 99 -24.84 13.35 15.52
C LEU A 99 -25.36 13.70 14.15
N LYS A 100 -24.52 13.50 13.13
CA LYS A 100 -24.99 13.83 11.80
C LYS A 100 -26.23 13.06 11.39
N LYS A 101 -26.28 11.79 11.79
CA LYS A 101 -27.44 10.95 11.50
C LYS A 101 -28.71 11.47 12.20
N LYS A 102 -28.71 11.77 13.50
CA LYS A 102 -29.95 12.32 14.08
C LYS A 102 -30.40 13.60 13.39
N VAL A 103 -29.48 14.52 13.14
CA VAL A 103 -29.92 15.72 12.46
C VAL A 103 -30.42 15.43 11.07
N SER A 104 -29.80 14.49 10.34
CA SER A 104 -30.31 14.16 9.01
C SER A 104 -31.66 13.47 9.05
N GLU A 105 -31.85 12.57 10.01
CA GLU A 105 -33.13 11.92 10.21
C GLU A 105 -34.24 12.94 10.41
N TRP A 106 -34.00 13.95 11.26
CA TRP A 106 -34.99 15.01 11.38
C TRP A 106 -35.14 15.82 10.08
N ALA A 107 -34.03 16.31 9.54
CA ALA A 107 -34.07 17.24 8.42
C ALA A 107 -34.69 16.61 7.18
N TYR A 108 -34.43 15.33 6.94
CA TYR A 108 -34.89 14.62 5.76
C TYR A 108 -36.19 13.86 6.01
N GLU A 109 -36.75 13.95 7.22
CA GLU A 109 -38.08 13.42 7.47
C GLU A 109 -39.03 14.18 6.55
N LYS A 110 -39.93 13.45 5.90
CA LYS A 110 -40.81 14.05 4.91
C LYS A 110 -42.25 14.22 5.37
N ASN A 111 -42.72 13.44 6.34
CA ASN A 111 -44.04 13.72 6.88
C ASN A 111 -43.88 14.93 7.80
N GLU A 112 -44.54 16.01 7.40
CA GLU A 112 -44.41 17.31 8.03
C GLU A 112 -44.79 17.29 9.49
N GLU A 113 -45.80 16.52 9.85
CA GLU A 113 -46.22 16.48 11.25
C GLU A 113 -45.13 15.87 12.11
N LYS A 114 -44.59 14.75 11.67
CA LYS A 114 -43.47 14.13 12.38
C LYS A 114 -42.25 15.04 12.40
N LYS A 115 -41.97 15.73 11.29
CA LYS A 115 -40.82 16.62 11.24
C LYS A 115 -40.93 17.74 12.26
N LYS A 116 -42.09 18.41 12.34
CA LYS A 116 -42.27 19.45 13.36
C LYS A 116 -42.17 18.92 14.79
N ALA A 117 -42.78 17.77 15.07
CA ALA A 117 -42.65 17.19 16.41
C ALA A 117 -41.19 16.85 16.76
N LEU A 118 -40.48 16.25 15.81
CA LEU A 118 -39.06 15.89 15.93
C LEU A 118 -38.12 17.09 16.07
N GLU A 119 -38.47 18.23 15.48
CA GLU A 119 -37.62 19.43 15.56
C GLU A 119 -37.28 19.88 16.98
N GLU A 120 -38.26 19.99 17.86
CA GLU A 120 -37.93 20.43 19.21
C GLU A 120 -36.90 19.51 19.85
N THR A 121 -37.17 18.20 19.85
CA THR A 121 -36.28 17.23 20.48
C THR A 121 -34.92 17.21 19.80
N THR A 122 -34.87 17.36 18.48
CA THR A 122 -33.58 17.30 17.79
C THR A 122 -32.72 18.51 18.12
N LEU A 123 -33.30 19.71 18.10
CA LEU A 123 -32.50 20.91 18.29
C LEU A 123 -32.14 21.14 19.75
N LYS A 124 -33.04 20.82 20.68
CA LYS A 124 -32.80 21.08 22.10
C LYS A 124 -32.14 19.95 22.86
N GLU A 125 -32.26 18.70 22.45
CA GLU A 125 -31.70 17.60 23.23
C GLU A 125 -30.57 16.90 22.50
N HIS A 126 -30.81 16.31 21.34
CA HIS A 126 -29.79 15.46 20.75
C HIS A 126 -28.54 16.25 20.36
N VAL A 127 -28.73 17.33 19.63
CA VAL A 127 -27.60 18.13 19.18
C VAL A 127 -26.79 18.60 20.38
N PRO A 128 -27.39 19.22 21.40
CA PRO A 128 -26.60 19.59 22.60
C PRO A 128 -25.96 18.41 23.29
N PHE A 129 -26.64 17.28 23.40
CA PHE A 129 -26.04 16.13 24.07
C PHE A 129 -24.72 15.75 23.41
N PHE A 130 -24.76 15.52 22.11
CA PHE A 130 -23.54 15.11 21.43
C PHE A 130 -22.48 16.21 21.41
N LEU A 131 -22.87 17.46 21.15
CA LEU A 131 -21.88 18.52 21.19
C LEU A 131 -21.25 18.68 22.56
N LYS A 132 -22.03 18.55 23.64
CA LYS A 132 -21.38 18.64 24.94
C LYS A 132 -20.39 17.52 25.18
N LYS A 133 -20.69 16.32 24.72
CA LYS A 133 -19.67 15.29 24.89
C LYS A 133 -18.38 15.63 24.11
N LEU A 134 -18.55 16.04 22.86
CA LEU A 134 -17.39 16.45 22.10
C LEU A 134 -16.69 17.65 22.73
N GLU A 135 -17.43 18.59 23.29
CA GLU A 135 -16.82 19.72 24.00
C GLU A 135 -15.93 19.29 25.16
N ILE A 136 -16.39 18.32 25.93
CA ILE A 136 -15.56 17.82 27.02
C ILE A 136 -14.28 17.19 26.50
N HIS A 137 -14.38 16.45 25.38
CA HIS A 137 -13.16 15.91 24.78
C HIS A 137 -12.24 16.98 24.21
N ALA A 138 -12.81 17.97 23.55
CA ALA A 138 -11.97 19.05 23.02
C ALA A 138 -11.21 19.75 24.13
N GLU A 139 -11.87 20.02 25.27
CA GLU A 139 -11.17 20.60 26.41
C GLU A 139 -10.05 19.69 26.87
N LYS A 140 -10.34 18.41 27.08
CA LYS A 140 -9.30 17.53 27.59
C LYS A 140 -8.08 17.40 26.66
N ASN A 141 -8.20 17.65 25.36
CA ASN A 141 -7.10 17.42 24.43
C ASN A 141 -6.51 18.72 23.86
N GLY A 142 -6.69 19.84 24.53
CA GLY A 142 -5.94 21.00 24.09
C GLY A 142 -6.36 21.62 22.78
N GLY A 143 -7.59 21.43 22.36
CA GLY A 143 -8.06 21.90 21.09
C GLY A 143 -8.04 20.95 19.93
N TYR A 144 -8.11 19.66 20.18
CA TYR A 144 -8.39 18.65 19.17
C TYR A 144 -9.44 17.72 19.75
N LEU A 145 -10.09 16.95 18.86
CA LEU A 145 -11.10 16.01 19.32
C LEU A 145 -10.46 14.73 19.79
N ALA A 146 -9.25 14.45 19.34
CA ALA A 146 -8.49 13.30 19.78
C ALA A 146 -7.00 13.63 19.64
N LEU A 147 -6.23 12.89 20.38
CA LEU A 147 -4.79 12.77 20.25
C LEU A 147 -4.02 14.07 20.48
N ASN A 148 -4.65 15.12 21.00
CA ASN A 148 -3.96 16.40 21.20
C ASN A 148 -3.21 16.92 19.97
N ARG A 149 -3.58 16.49 18.77
CA ARG A 149 -2.94 16.91 17.51
C ARG A 149 -4.01 16.74 16.45
N ILE A 150 -3.79 17.38 15.31
CA ILE A 150 -4.70 17.17 14.18
C ILE A 150 -4.75 15.71 13.79
N SER A 151 -5.97 15.21 13.59
CA SER A 151 -6.18 13.87 13.05
C SER A 151 -7.32 13.98 12.03
N TRP A 152 -7.61 12.88 11.35
CA TRP A 152 -8.72 12.91 10.42
C TRP A 152 -10.07 13.07 11.13
N ALA A 153 -10.14 12.75 12.43
CA ALA A 153 -11.36 13.03 13.16
C ALA A 153 -11.68 14.53 13.10
N ASP A 154 -10.66 15.38 13.16
CA ASP A 154 -10.88 16.82 13.12
C ASP A 154 -11.36 17.28 11.75
N ILE A 155 -10.87 16.67 10.67
CA ILE A 155 -11.42 16.98 9.36
C ILE A 155 -12.87 16.52 9.24
N ILE A 156 -13.19 15.32 9.71
CA ILE A 156 -14.58 14.90 9.74
C ILE A 156 -15.42 15.92 10.50
N PHE A 157 -14.92 16.38 11.65
CA PHE A 157 -15.65 17.34 12.46
C PHE A 157 -15.83 18.68 11.75
N LEU A 158 -14.77 19.22 11.14
CA LEU A 158 -14.92 20.47 10.39
C LEU A 158 -15.94 20.33 9.25
N CYS A 159 -15.89 19.24 8.50
CA CYS A 159 -16.91 19.08 7.46
C CYS A 159 -18.30 18.86 8.05
N ALA A 160 -18.40 18.18 9.17
CA ALA A 160 -19.71 18.01 9.78
C ALA A 160 -20.28 19.33 10.22
N TYR A 161 -19.41 20.19 10.78
CA TYR A 161 -19.79 21.53 11.17
C TYR A 161 -20.39 22.29 10.00
N GLU A 162 -19.70 22.27 8.87
CA GLU A 162 -20.27 22.93 7.69
C GLU A 162 -21.63 22.33 7.31
N THR A 163 -21.73 20.99 7.25
CA THR A 163 -22.99 20.36 6.85
C THR A 163 -24.12 20.72 7.83
N LEU A 164 -23.85 20.60 9.12
CA LEU A 164 -24.88 20.85 10.13
C LEU A 164 -25.26 22.33 10.09
N GLY A 165 -24.29 23.20 9.87
CA GLY A 165 -24.62 24.59 9.72
C GLY A 165 -25.60 24.85 8.60
N ASN A 166 -25.42 24.17 7.47
CA ASN A 166 -26.38 24.36 6.39
C ASN A 166 -27.74 23.74 6.69
N MET A 167 -27.76 22.59 7.36
CA MET A 167 -29.05 22.02 7.67
C MET A 167 -29.84 22.79 8.75
N LEU A 168 -29.16 23.25 9.81
CA LEU A 168 -29.77 23.94 10.94
C LEU A 168 -29.86 25.47 10.81
N LYS A 169 -29.24 26.08 9.78
CA LYS A 169 -29.26 27.54 9.59
C LYS A 169 -28.72 28.30 10.80
N LYS A 170 -27.72 27.73 11.48
CA LYS A 170 -27.10 28.40 12.61
C LYS A 170 -25.65 27.92 12.74
N ASP A 171 -24.81 28.77 13.35
CA ASP A 171 -23.49 28.34 13.79
C ASP A 171 -23.69 27.41 14.97
N ILE A 172 -23.33 26.13 14.80
CA ILE A 172 -23.54 25.14 15.84
C ILE A 172 -22.56 25.22 16.99
N LEU A 173 -21.49 25.99 16.85
CA LEU A 173 -20.43 26.01 17.85
C LEU A 173 -20.47 27.25 18.75
N ILE A 174 -21.48 28.11 18.57
CA ILE A 174 -21.56 29.37 19.30
C ILE A 174 -21.45 29.16 20.81
N ASP A 175 -21.99 28.07 21.33
CA ASP A 175 -21.97 27.83 22.78
C ASP A 175 -20.89 26.84 23.21
N TYR A 176 -19.96 26.52 22.32
CA TYR A 176 -19.00 25.45 22.48
C TYR A 176 -17.62 26.01 22.19
N PRO A 177 -17.03 26.73 23.13
CA PRO A 177 -15.77 27.42 22.84
C PRO A 177 -14.59 26.50 22.52
N ASN A 178 -14.49 25.31 23.13
CA ASN A 178 -13.38 24.42 22.81
C ASN A 178 -13.55 23.78 21.44
N LEU A 179 -14.78 23.48 21.05
CA LEU A 179 -15.00 23.05 19.68
C LEU A 179 -14.77 24.19 18.68
N THR A 180 -15.06 25.44 19.04
CA THR A 180 -14.66 26.55 18.21
C THR A 180 -13.13 26.63 18.05
N LYS A 181 -12.39 26.37 19.13
CA LYS A 181 -10.94 26.33 19.00
C LYS A 181 -10.50 25.21 18.07
N VAL A 182 -11.12 24.05 18.17
CA VAL A 182 -10.83 23.02 17.20
C VAL A 182 -11.04 23.55 15.78
N LYS A 183 -12.21 24.12 15.55
CA LYS A 183 -12.50 24.70 14.24
C LYS A 183 -11.42 25.66 13.78
N GLN A 184 -11.01 26.59 14.66
CA GLN A 184 -9.98 27.56 14.30
C GLN A 184 -8.65 26.88 13.99
N ASN A 185 -8.22 25.98 14.87
CA ASN A 185 -6.97 25.27 14.67
C ASN A 185 -6.94 24.57 13.32
N ILE A 186 -8.08 24.00 12.89
CA ILE A 186 -8.09 23.32 11.59
C ILE A 186 -8.15 24.32 10.44
N LEU A 187 -8.95 25.38 10.56
CA LEU A 187 -8.96 26.42 9.53
C LEU A 187 -7.62 27.16 9.43
N GLU A 188 -6.82 27.13 10.47
CA GLU A 188 -5.50 27.75 10.38
C GLU A 188 -4.50 26.91 9.60
N VAL A 189 -4.78 25.64 9.37
CA VAL A 189 -3.88 24.75 8.64
C VAL A 189 -3.83 25.24 7.19
N PRO A 190 -2.65 25.57 6.67
CA PRO A 190 -2.59 26.19 5.34
C PRO A 190 -3.24 25.39 4.22
N SER A 191 -3.00 24.08 4.15
CA SER A 191 -3.57 23.29 3.06
C SER A 191 -5.07 23.18 3.12
N ILE A 192 -5.64 23.25 4.31
CA ILE A 192 -7.09 23.27 4.42
C ILE A 192 -7.65 24.61 3.97
N LYS A 193 -7.02 25.73 4.38
CA LYS A 193 -7.41 27.04 3.88
C LYS A 193 -7.36 27.08 2.37
N GLU A 194 -6.26 26.57 1.80
CA GLU A 194 -6.14 26.56 0.34
C GLU A 194 -7.26 25.78 -0.31
N TRP A 195 -7.56 24.60 0.22
CA TRP A 195 -8.67 23.83 -0.33
C TRP A 195 -9.98 24.61 -0.25
N ILE A 196 -10.26 25.19 0.90
CA ILE A 196 -11.51 25.92 1.01
C ILE A 196 -11.58 27.09 0.01
N LYS A 197 -10.46 27.82 -0.21
CA LYS A 197 -10.45 28.87 -1.25
C LYS A 197 -10.61 28.32 -2.66
N LYS A 198 -9.92 27.23 -3.00
CA LYS A 198 -9.97 26.71 -4.35
C LYS A 198 -11.30 26.05 -4.71
N ARG A 199 -11.92 25.31 -3.78
CA ARG A 199 -13.12 24.55 -4.12
C ARG A 199 -14.24 25.42 -4.69
N PRO A 200 -15.07 24.83 -5.56
CA PRO A 200 -16.24 25.54 -6.09
C PRO A 200 -17.25 26.03 -5.06
N THR A 201 -17.83 27.17 -5.39
CA THR A 201 -18.94 27.73 -4.64
C THR A 201 -20.22 27.00 -5.03
N ASN A 202 -21.01 26.61 -4.04
CA ASN A 202 -22.33 26.05 -4.30
C ASN A 202 -23.39 27.09 -3.92
N PRO A 203 -24.07 27.73 -4.85
CA PRO A 203 -24.99 28.80 -4.46
C PRO A 203 -26.18 28.30 -3.65
N MET A 204 -26.39 27.00 -3.53
CA MET A 204 -27.49 26.55 -2.69
C MET A 204 -27.07 26.49 -1.23
N LEU A 205 -25.76 26.62 -0.97
CA LEU A 205 -25.21 26.63 0.39
C LEU A 205 -25.26 28.04 0.96
N SER A 206 -25.97 28.19 2.05
CA SER A 206 -25.91 29.39 2.86
C SER A 206 -24.75 29.40 3.85
N PHE A 207 -24.39 28.26 4.41
CA PHE A 207 -23.20 28.12 5.25
C PHE A 207 -21.99 27.58 4.49
N ASP A 208 -21.12 28.51 4.08
CA ASP A 208 -19.86 28.21 3.41
C ASP A 208 -18.69 28.65 4.29
N LEU A 209 -17.78 27.71 4.58
CA LEU A 209 -16.53 27.98 5.32
C LEU A 209 -15.60 28.99 4.64
N LYS A 210 -15.79 29.21 3.33
CA LYS A 210 -15.04 30.22 2.60
C LYS A 210 -15.19 31.57 3.27
N SER A 211 -16.32 31.84 3.92
CA SER A 211 -16.51 33.11 4.58
C SER A 211 -15.73 33.26 5.89
N GLN A 212 -15.00 32.24 6.33
CA GLN A 212 -14.27 32.28 7.59
C GLN A 212 -12.76 32.29 7.37
N VAL A 213 -12.32 32.34 6.12
CA VAL A 213 -10.90 32.30 5.82
C VAL A 213 -10.47 33.49 4.91
N THR B 4 -8.32 -6.79 32.66
CA THR B 4 -9.22 -7.66 31.95
C THR B 4 -10.28 -6.83 31.24
N TYR B 5 -10.72 -7.33 30.09
CA TYR B 5 -11.85 -6.75 29.37
C TYR B 5 -13.19 -7.04 30.03
N LYS B 6 -14.05 -6.04 30.01
CA LYS B 6 -15.47 -6.21 30.28
C LYS B 6 -16.36 -5.74 29.16
N VAL B 7 -17.27 -6.59 28.72
CA VAL B 7 -18.23 -6.23 27.70
C VAL B 7 -19.53 -5.93 28.45
N HIS B 8 -19.93 -4.68 28.53
CA HIS B 8 -21.20 -4.31 29.13
C HIS B 8 -22.24 -4.25 28.04
N TYR B 9 -23.26 -5.09 28.13
CA TYR B 9 -24.36 -5.04 27.18
C TYR B 9 -25.58 -5.69 27.79
N PHE B 10 -26.71 -5.54 27.10
CA PHE B 10 -27.93 -6.27 27.43
C PHE B 10 -27.72 -7.79 27.27
N ASP B 11 -28.62 -8.55 27.87
CA ASP B 11 -28.59 -9.99 27.70
C ASP B 11 -29.07 -10.44 26.34
N PHE B 12 -28.52 -9.93 25.24
CA PHE B 12 -28.78 -10.57 23.97
C PHE B 12 -27.62 -10.36 23.00
N THR B 13 -27.60 -11.15 21.91
CA THR B 13 -26.51 -11.12 20.90
C THR B 13 -26.61 -9.88 20.05
N GLY B 14 -26.62 -8.70 20.67
CA GLY B 14 -26.60 -7.44 19.95
C GLY B 14 -25.29 -7.09 19.31
N ARG B 15 -24.97 -5.81 19.42
CA ARG B 15 -23.79 -5.20 18.84
C ARG B 15 -22.57 -5.69 19.57
N ALA B 16 -22.75 -6.34 20.71
CA ALA B 16 -21.65 -6.92 21.46
C ALA B 16 -21.27 -8.31 20.98
N GLU B 17 -22.15 -9.03 20.29
CA GLU B 17 -21.79 -10.39 19.88
C GLU B 17 -20.51 -10.44 19.05
N PRO B 18 -20.28 -9.54 18.09
CA PRO B 18 -19.00 -9.55 17.38
C PRO B 18 -17.82 -9.25 18.29
N ILE B 19 -18.03 -8.40 19.32
CA ILE B 19 -16.99 -8.11 20.29
C ILE B 19 -16.64 -9.36 21.08
N ARG B 20 -17.66 -10.05 21.61
CA ARG B 20 -17.44 -11.27 22.38
C ARG B 20 -16.77 -12.34 21.54
N MET B 21 -17.23 -12.51 20.31
CA MET B 21 -16.67 -13.55 19.45
C MET B 21 -15.22 -13.23 19.05
N ILE B 22 -14.89 -11.96 18.82
CA ILE B 22 -13.50 -11.59 18.57
C ILE B 22 -12.60 -11.80 19.79
N LEU B 23 -13.09 -11.42 20.97
CA LEU B 23 -12.31 -11.66 22.19
C LEU B 23 -12.06 -13.15 22.39
N SER B 24 -13.09 -13.96 22.17
CA SER B 24 -12.95 -15.40 22.27
C SER B 24 -11.96 -15.94 21.26
N TYR B 25 -12.00 -15.46 20.03
CA TYR B 25 -11.03 -15.93 19.05
C TYR B 25 -9.60 -15.76 19.55
N GLY B 26 -9.27 -14.60 20.07
CA GLY B 26 -7.96 -14.28 20.58
C GLY B 26 -7.58 -14.80 21.94
N LYS B 27 -8.43 -15.57 22.62
CA LYS B 27 -8.20 -15.94 24.02
C LYS B 27 -7.90 -14.72 24.89
N LEU B 28 -8.62 -13.62 24.65
CA LEU B 28 -8.46 -12.43 25.46
C LEU B 28 -9.49 -12.64 26.55
N ASP B 29 -9.05 -12.88 27.77
CA ASP B 29 -9.96 -13.14 28.88
C ASP B 29 -10.92 -11.97 29.12
N PHE B 30 -12.21 -12.27 29.19
CA PHE B 30 -13.18 -11.21 29.43
C PHE B 30 -14.35 -11.74 30.23
N GLU B 31 -14.96 -10.86 31.03
CA GLU B 31 -16.25 -11.08 31.68
C GLU B 31 -17.36 -10.51 30.81
N ASP B 32 -18.38 -11.32 30.53
CA ASP B 32 -19.55 -10.86 29.77
C ASP B 32 -20.64 -10.37 30.72
N VAL B 33 -20.60 -9.09 31.05
CA VAL B 33 -21.54 -8.47 31.99
C VAL B 33 -22.85 -8.15 31.28
N ARG B 34 -23.86 -9.00 31.47
CA ARG B 34 -25.17 -8.86 30.84
C ARG B 34 -26.12 -8.11 31.77
N VAL B 35 -26.45 -6.88 31.41
CA VAL B 35 -27.20 -5.95 32.25
C VAL B 35 -28.66 -5.95 31.82
N SER B 36 -29.58 -6.17 32.74
CA SER B 36 -30.98 -6.00 32.36
C SER B 36 -31.33 -4.54 32.08
N ARG B 37 -32.50 -4.35 31.46
CA ARG B 37 -33.00 -2.99 31.17
C ARG B 37 -33.24 -2.16 32.42
N GLU B 38 -33.64 -2.75 33.53
CA GLU B 38 -33.84 -1.89 34.68
C GLU B 38 -32.48 -1.39 35.17
N GLU B 39 -31.51 -2.29 35.24
CA GLU B 39 -30.19 -1.83 35.58
C GLU B 39 -29.72 -0.81 34.57
N PHE B 40 -30.07 -1.03 33.29
CA PHE B 40 -29.75 -0.06 32.25
C PHE B 40 -30.43 1.29 32.49
N GLN B 41 -31.68 1.28 32.97
CA GLN B 41 -32.35 2.54 33.25
C GLN B 41 -31.61 3.34 34.31
N LYS B 42 -31.08 2.64 35.31
CA LYS B 42 -30.32 3.34 36.33
C LYS B 42 -28.91 3.74 35.89
N LEU B 43 -28.27 2.89 35.11
CA LEU B 43 -26.91 3.06 34.64
C LEU B 43 -26.76 4.05 33.50
N LYS B 44 -27.76 4.18 32.63
CA LYS B 44 -27.61 5.00 31.42
C LYS B 44 -26.99 6.38 31.61
N PRO B 45 -27.31 7.15 32.64
CA PRO B 45 -26.67 8.47 32.82
C PRO B 45 -25.15 8.43 33.02
N THR B 46 -24.57 7.31 33.42
CA THR B 46 -23.13 7.16 33.63
C THR B 46 -22.40 6.63 32.36
N LEU B 47 -23.13 6.18 31.34
CA LEU B 47 -22.53 5.66 30.11
C LEU B 47 -22.10 6.84 29.24
N PRO B 48 -20.92 6.75 28.64
CA PRO B 48 -20.40 7.93 27.93
C PRO B 48 -21.35 8.51 26.91
N LEU B 49 -22.13 7.67 26.26
CA LEU B 49 -23.13 8.05 25.26
C LEU B 49 -24.52 7.62 25.69
N GLY B 50 -24.67 7.20 26.94
CA GLY B 50 -25.92 6.64 27.41
C GLY B 50 -26.34 5.41 26.66
N GLN B 51 -25.38 4.69 26.08
CA GLN B 51 -25.69 3.58 25.20
C GLN B 51 -24.77 2.40 25.53
N LEU B 52 -25.23 1.22 25.18
CA LEU B 52 -24.46 -0.02 25.19
C LEU B 52 -24.27 -0.47 23.75
N PRO B 53 -23.25 -1.26 23.45
CA PRO B 53 -22.24 -1.81 24.37
C PRO B 53 -21.15 -0.86 24.80
N VAL B 54 -20.50 -1.19 25.91
CA VAL B 54 -19.29 -0.50 26.31
C VAL B 54 -18.23 -1.54 26.63
N LEU B 55 -16.98 -1.28 26.23
CA LEU B 55 -15.86 -2.07 26.69
C LEU B 55 -15.22 -1.35 27.86
N GLU B 56 -15.20 -1.99 29.03
CA GLU B 56 -14.36 -1.56 30.15
C GLU B 56 -12.98 -2.16 29.98
N PHE B 57 -11.98 -1.30 29.88
CA PHE B 57 -10.60 -1.74 29.73
C PHE B 57 -9.68 -0.72 30.39
N GLN B 58 -8.81 -1.22 31.25
CA GLN B 58 -7.89 -0.36 31.98
C GLN B 58 -8.62 0.81 32.64
N GLY B 59 -9.79 0.53 33.19
CA GLY B 59 -10.57 1.56 33.84
C GLY B 59 -11.30 2.52 32.94
N HIS B 60 -11.24 2.34 31.62
CA HIS B 60 -11.93 3.21 30.68
C HIS B 60 -13.21 2.52 30.22
N MET B 61 -14.29 3.28 30.15
CA MET B 61 -15.52 2.89 29.48
C MET B 61 -15.48 3.38 28.04
N ILE B 62 -15.27 2.46 27.09
CA ILE B 62 -15.08 2.77 25.68
C ILE B 62 -16.36 2.45 24.92
N PRO B 63 -17.01 3.43 24.33
CA PRO B 63 -18.18 3.15 23.50
C PRO B 63 -17.86 2.79 22.05
N GLN B 64 -18.91 2.64 21.23
CA GLN B 64 -18.85 2.41 19.78
C GLN B 64 -18.29 1.07 19.38
N SER B 65 -19.20 0.12 19.24
CA SER B 65 -18.87 -1.27 18.95
C SER B 65 -17.97 -1.45 17.74
N THR B 66 -18.19 -0.72 16.65
CA THR B 66 -17.32 -0.97 15.50
C THR B 66 -15.88 -0.54 15.73
N ALA B 67 -15.68 0.58 16.40
CA ALA B 67 -14.36 1.03 16.78
C ALA B 67 -13.73 0.06 17.77
N ILE B 68 -14.52 -0.42 18.72
CA ILE B 68 -14.03 -1.44 19.65
C ILE B 68 -13.58 -2.70 18.91
N CYS B 69 -14.41 -3.18 17.98
CA CYS B 69 -14.04 -4.36 17.21
C CYS B 69 -12.75 -4.17 16.42
N ARG B 70 -12.60 -3.02 15.75
CA ARG B 70 -11.37 -2.75 15.02
C ARG B 70 -10.15 -2.73 15.94
N PHE B 71 -10.30 -2.11 17.10
CA PHE B 71 -9.24 -2.09 18.10
C PHE B 71 -8.85 -3.48 18.56
N LEU B 72 -9.85 -4.28 18.90
CA LEU B 72 -9.63 -5.64 19.40
C LEU B 72 -9.11 -6.58 18.32
N ALA B 73 -9.44 -6.33 17.07
CA ALA B 73 -8.89 -7.15 16.00
C ALA B 73 -7.37 -7.15 15.99
N ASN B 74 -6.71 -6.06 16.35
CA ASN B 74 -5.25 -6.11 16.47
C ASN B 74 -4.80 -7.06 17.56
N LYS B 75 -5.51 -7.06 18.68
CA LYS B 75 -5.17 -7.96 19.77
C LYS B 75 -5.40 -9.44 19.42
N ALA B 76 -6.36 -9.73 18.54
CA ALA B 76 -6.72 -11.11 18.20
C ALA B 76 -6.11 -11.57 16.91
N ASN B 77 -5.17 -10.84 16.34
CA ASN B 77 -4.58 -11.16 15.05
C ASN B 77 -5.65 -11.26 13.95
N LEU B 78 -6.73 -10.52 14.10
CA LEU B 78 -7.79 -10.43 13.09
C LEU B 78 -7.69 -9.20 12.22
N SER B 79 -6.68 -8.36 12.42
CA SER B 79 -6.57 -7.17 11.61
C SER B 79 -5.70 -7.43 10.39
N GLY B 80 -5.72 -6.48 9.48
CA GLY B 80 -4.84 -6.54 8.34
C GLY B 80 -3.37 -6.23 8.65
N LYS B 81 -2.53 -6.73 7.74
CA LYS B 81 -1.09 -6.57 7.76
C LYS B 81 -0.60 -5.20 7.29
N ASP B 82 -1.41 -4.46 6.52
CA ASP B 82 -1.06 -3.14 6.01
C ASP B 82 -2.33 -2.31 5.93
N GLU B 83 -2.15 -1.04 5.58
CA GLU B 83 -3.26 -0.12 5.46
C GLU B 83 -4.28 -0.56 4.41
N PHE B 84 -3.82 -1.20 3.33
CA PHE B 84 -4.72 -1.55 2.24
C PHE B 84 -5.54 -2.79 2.53
N GLU B 85 -4.97 -3.79 3.20
CA GLU B 85 -5.82 -4.87 3.67
C GLU B 85 -6.85 -4.39 4.67
N ASN B 86 -6.49 -3.48 5.55
CA ASN B 86 -7.46 -2.89 6.47
C ASN B 86 -8.55 -2.17 5.68
N LEU B 87 -8.17 -1.44 4.65
CA LEU B 87 -9.22 -0.86 3.80
C LEU B 87 -10.18 -1.93 3.22
N LYS B 88 -9.66 -3.08 2.78
CA LYS B 88 -10.52 -4.17 2.30
C LYS B 88 -11.48 -4.69 3.39
N ILE B 89 -10.96 -4.75 4.62
CA ILE B 89 -11.81 -5.18 5.74
C ILE B 89 -12.86 -4.15 6.06
N ASP B 90 -12.47 -2.88 6.16
CA ASP B 90 -13.42 -1.84 6.47
C ASP B 90 -14.53 -1.73 5.41
N VAL B 91 -14.17 -1.79 4.14
CA VAL B 91 -15.17 -1.79 3.10
C VAL B 91 -16.17 -2.94 3.23
N ALA B 92 -15.67 -4.12 3.56
CA ALA B 92 -16.59 -5.25 3.74
C ALA B 92 -17.50 -5.09 4.95
N VAL B 93 -16.96 -4.58 6.06
CA VAL B 93 -17.75 -4.34 7.27
C VAL B 93 -18.84 -3.32 6.97
N ASP B 94 -18.47 -2.21 6.35
CA ASP B 94 -19.48 -1.19 6.08
C ASP B 94 -20.57 -1.68 5.12
N THR B 95 -20.22 -2.52 4.11
CA THR B 95 -21.24 -3.13 3.28
C THR B 95 -22.18 -4.04 4.06
N ILE B 96 -21.65 -4.78 5.02
CA ILE B 96 -22.54 -5.62 5.83
C ILE B 96 -23.46 -4.76 6.70
N GLU B 97 -22.93 -3.68 7.26
CA GLU B 97 -23.73 -2.79 8.08
C GLU B 97 -24.81 -2.12 7.24
N ASP B 98 -24.52 -1.78 5.99
CA ASP B 98 -25.56 -1.25 5.10
C ASP B 98 -26.69 -2.27 4.85
N LEU B 99 -26.34 -3.53 4.59
CA LEU B 99 -27.36 -4.56 4.45
C LEU B 99 -28.22 -4.65 5.71
N LYS B 100 -27.59 -4.74 6.88
CA LYS B 100 -28.35 -4.82 8.12
C LYS B 100 -29.22 -3.59 8.30
N LYS B 101 -28.76 -2.43 7.88
CA LYS B 101 -29.58 -1.24 7.98
C LYS B 101 -30.84 -1.31 7.17
N LYS B 102 -30.74 -1.69 5.90
CA LYS B 102 -31.95 -1.83 5.07
C LYS B 102 -32.95 -2.86 5.61
N VAL B 103 -32.46 -4.03 6.00
CA VAL B 103 -33.35 -5.05 6.55
C VAL B 103 -33.93 -4.64 7.92
N SER B 104 -33.15 -3.97 8.77
CA SER B 104 -33.68 -3.50 10.04
C SER B 104 -34.70 -2.39 9.86
N GLU B 105 -34.46 -1.47 8.93
CA GLU B 105 -35.44 -0.43 8.65
C GLU B 105 -36.77 -1.07 8.29
N TRP B 106 -36.74 -2.09 7.45
CA TRP B 106 -38.00 -2.78 7.22
C TRP B 106 -38.56 -3.48 8.45
N ALA B 107 -37.75 -4.30 9.11
CA ALA B 107 -38.26 -5.19 10.15
C ALA B 107 -38.87 -4.46 11.35
N TYR B 108 -38.31 -3.35 11.78
CA TYR B 108 -38.86 -2.68 12.94
C TYR B 108 -39.87 -1.57 12.64
N GLU B 109 -40.19 -1.33 11.38
CA GLU B 109 -41.27 -0.41 11.10
C GLU B 109 -42.58 -0.90 11.68
N LYS B 110 -43.32 0.01 12.31
CA LYS B 110 -44.53 -0.37 12.99
C LYS B 110 -45.78 0.07 12.29
N ASN B 111 -45.76 1.15 11.49
CA ASN B 111 -46.92 1.46 10.67
C ASN B 111 -46.88 0.51 9.47
N GLU B 112 -47.90 -0.34 9.36
CA GLU B 112 -47.95 -1.42 8.36
C GLU B 112 -47.86 -0.95 6.90
N GLU B 113 -48.43 0.20 6.56
CA GLU B 113 -48.38 0.61 5.16
C GLU B 113 -46.96 0.86 4.69
N LYS B 114 -46.17 1.61 5.44
CA LYS B 114 -44.78 1.76 5.07
C LYS B 114 -44.08 0.41 5.11
N LYS B 115 -44.46 -0.42 6.09
CA LYS B 115 -43.92 -1.76 6.27
C LYS B 115 -44.13 -2.72 5.11
N LYS B 116 -45.33 -2.79 4.56
CA LYS B 116 -45.53 -3.67 3.39
C LYS B 116 -44.67 -3.27 2.17
N ALA B 117 -44.62 -1.97 1.87
CA ALA B 117 -43.79 -1.47 0.78
C ALA B 117 -42.32 -1.74 1.03
N LEU B 118 -41.87 -1.48 2.25
CA LEU B 118 -40.49 -1.79 2.58
C LEU B 118 -40.23 -3.28 2.49
N GLU B 119 -41.21 -4.13 2.82
CA GLU B 119 -40.98 -5.56 2.67
C GLU B 119 -40.66 -5.88 1.23
N GLU B 120 -41.49 -5.38 0.32
CA GLU B 120 -41.23 -5.68 -1.07
C GLU B 120 -39.87 -5.17 -1.54
N THR B 121 -39.61 -3.88 -1.38
CA THR B 121 -38.34 -3.37 -1.86
C THR B 121 -37.12 -3.99 -1.16
N THR B 122 -37.20 -4.20 0.15
CA THR B 122 -36.07 -4.71 0.89
C THR B 122 -35.78 -6.16 0.53
N LEU B 123 -36.82 -6.99 0.46
CA LEU B 123 -36.59 -8.42 0.23
C LEU B 123 -36.27 -8.70 -1.24
N LYS B 124 -36.86 -7.93 -2.14
CA LYS B 124 -36.70 -8.19 -3.55
C LYS B 124 -35.50 -7.45 -4.18
N GLU B 125 -35.08 -6.32 -3.63
CA GLU B 125 -34.03 -5.55 -4.30
C GLU B 125 -32.74 -5.46 -3.48
N HIS B 126 -32.81 -4.83 -2.32
CA HIS B 126 -31.61 -4.52 -1.56
C HIS B 126 -30.90 -5.77 -1.07
N VAL B 127 -31.60 -6.66 -0.44
CA VAL B 127 -30.96 -7.84 0.12
C VAL B 127 -30.24 -8.63 -0.97
N PRO B 128 -30.88 -9.00 -2.08
CA PRO B 128 -30.15 -9.70 -3.15
C PRO B 128 -29.00 -8.89 -3.70
N PHE B 129 -29.14 -7.58 -3.86
CA PHE B 129 -28.06 -6.76 -4.39
C PHE B 129 -26.80 -6.88 -3.52
N PHE B 130 -26.95 -6.61 -2.22
CA PHE B 130 -25.79 -6.65 -1.35
C PHE B 130 -25.24 -8.07 -1.25
N LEU B 131 -26.11 -9.08 -1.17
CA LEU B 131 -25.63 -10.45 -1.14
C LEU B 131 -24.87 -10.83 -2.41
N LYS B 132 -25.31 -10.36 -3.57
CA LYS B 132 -24.55 -10.63 -4.79
C LYS B 132 -23.16 -10.00 -4.76
N LYS B 133 -23.04 -8.80 -4.19
CA LYS B 133 -21.73 -8.17 -4.05
C LYS B 133 -20.83 -8.92 -3.08
N LEU B 134 -21.37 -9.26 -1.92
CA LEU B 134 -20.57 -10.01 -0.97
C LEU B 134 -20.18 -11.36 -1.52
N GLU B 135 -21.08 -12.00 -2.26
CA GLU B 135 -20.78 -13.25 -2.93
C GLU B 135 -19.66 -13.14 -3.94
N ILE B 136 -19.62 -12.09 -4.76
CA ILE B 136 -18.46 -12.00 -5.66
C ILE B 136 -17.16 -11.86 -4.92
N HIS B 137 -17.12 -11.11 -3.84
CA HIS B 137 -15.89 -11.09 -3.08
C HIS B 137 -15.56 -12.42 -2.42
N ALA B 138 -16.54 -13.07 -1.84
CA ALA B 138 -16.26 -14.34 -1.22
C ALA B 138 -15.69 -15.34 -2.23
N GLU B 139 -16.24 -15.39 -3.46
CA GLU B 139 -15.70 -16.27 -4.51
C GLU B 139 -14.24 -15.92 -4.80
N LYS B 140 -13.96 -14.62 -5.04
CA LYS B 140 -12.60 -14.19 -5.34
C LYS B 140 -11.57 -14.45 -4.22
N ASN B 141 -11.97 -14.57 -2.95
CA ASN B 141 -10.99 -14.68 -1.87
C ASN B 141 -10.93 -16.09 -1.25
N GLY B 142 -11.38 -17.10 -1.96
CA GLY B 142 -11.14 -18.46 -1.51
C GLY B 142 -11.88 -18.91 -0.28
N GLY B 143 -13.02 -18.31 0.00
CA GLY B 143 -13.77 -18.56 1.21
C GLY B 143 -13.58 -17.66 2.38
N TYR B 144 -13.20 -16.42 2.17
CA TYR B 144 -13.26 -15.38 3.18
C TYR B 144 -13.87 -14.14 2.53
N LEU B 145 -14.34 -13.24 3.35
CA LEU B 145 -14.96 -12.03 2.82
C LEU B 145 -13.91 -10.99 2.49
N ALA B 146 -12.72 -11.09 3.10
CA ALA B 146 -11.62 -10.21 2.81
C ALA B 146 -10.34 -10.98 3.09
N LEU B 147 -9.29 -10.52 2.45
CA LEU B 147 -7.90 -10.87 2.71
C LEU B 147 -7.57 -12.36 2.51
N ASN B 148 -8.46 -13.14 1.91
CA ASN B 148 -8.29 -14.59 1.72
C ASN B 148 -7.93 -15.29 3.04
N ARG B 149 -8.26 -14.71 4.19
CA ARG B 149 -7.97 -15.30 5.48
C ARG B 149 -9.01 -14.76 6.46
N ILE B 150 -9.13 -15.41 7.61
CA ILE B 150 -10.01 -14.85 8.64
C ILE B 150 -9.59 -13.44 8.99
N SER B 151 -10.55 -12.55 9.03
CA SER B 151 -10.38 -11.20 9.52
C SER B 151 -11.61 -10.91 10.37
N TRP B 152 -11.64 -9.74 11.02
CA TRP B 152 -12.82 -9.40 11.80
C TRP B 152 -14.04 -9.14 10.91
N ALA B 153 -13.83 -8.84 9.62
CA ALA B 153 -14.95 -8.74 8.68
C ALA B 153 -15.76 -10.01 8.62
N ASP B 154 -15.11 -11.17 8.68
CA ASP B 154 -15.82 -12.44 8.61
C ASP B 154 -16.66 -12.71 9.86
N ILE B 155 -16.19 -12.27 11.04
CA ILE B 155 -16.97 -12.34 12.28
C ILE B 155 -18.16 -11.40 12.22
N ILE B 156 -17.97 -10.19 11.72
CA ILE B 156 -19.13 -9.33 11.49
C ILE B 156 -20.14 -10.03 10.59
N PHE B 157 -19.67 -10.66 9.52
CA PHE B 157 -20.56 -11.35 8.59
C PHE B 157 -21.31 -12.49 9.26
N LEU B 158 -20.62 -13.33 10.05
CA LEU B 158 -21.32 -14.40 10.75
C LEU B 158 -22.41 -13.90 11.69
N CYS B 159 -22.12 -12.83 12.47
CA CYS B 159 -23.16 -12.28 13.34
C CYS B 159 -24.28 -11.63 12.52
N ALA B 160 -23.99 -11.01 11.39
CA ALA B 160 -25.05 -10.47 10.54
C ALA B 160 -25.90 -11.61 9.97
N TYR B 161 -25.26 -12.70 9.61
CA TYR B 161 -26.01 -13.85 9.14
C TYR B 161 -27.04 -14.27 10.17
N GLU B 162 -26.62 -14.42 11.42
CA GLU B 162 -27.59 -14.77 12.46
C GLU B 162 -28.71 -13.72 12.56
N THR B 163 -28.36 -12.43 12.62
CA THR B 163 -29.36 -11.37 12.79
C THR B 163 -30.34 -11.36 11.63
N LEU B 164 -29.84 -11.40 10.40
CA LEU B 164 -30.69 -11.35 9.23
C LEU B 164 -31.55 -12.60 9.14
N GLY B 165 -30.98 -13.76 9.49
CA GLY B 165 -31.76 -14.97 9.52
C GLY B 165 -32.93 -14.85 10.46
N ASN B 166 -32.71 -14.26 11.63
CA ASN B 166 -33.83 -14.07 12.54
C ASN B 166 -34.84 -13.04 12.05
N MET B 167 -34.39 -11.97 11.41
CA MET B 167 -35.36 -11.00 10.90
C MET B 167 -36.14 -11.55 9.71
N LEU B 168 -35.50 -12.26 8.80
CA LEU B 168 -36.17 -12.79 7.61
C LEU B 168 -36.76 -14.21 7.78
N LYS B 169 -36.45 -14.90 8.89
CA LYS B 169 -36.94 -16.26 9.12
C LYS B 169 -36.59 -17.23 7.99
N LYS B 170 -35.41 -17.08 7.40
CA LYS B 170 -34.97 -18.00 6.36
C LYS B 170 -33.45 -18.06 6.38
N ASP B 171 -32.88 -19.18 5.90
CA ASP B 171 -31.44 -19.22 5.62
C ASP B 171 -31.15 -18.33 4.40
N ILE B 172 -30.46 -17.23 4.62
CA ILE B 172 -30.21 -16.32 3.50
C ILE B 172 -29.08 -16.74 2.57
N LEU B 173 -28.28 -17.74 2.90
CA LEU B 173 -27.13 -18.03 2.07
C LEU B 173 -27.31 -19.26 1.18
N ILE B 174 -28.49 -19.87 1.18
CA ILE B 174 -28.70 -21.10 0.42
C ILE B 174 -28.31 -20.92 -1.03
N ASP B 175 -28.49 -19.73 -1.59
CA ASP B 175 -28.19 -19.48 -2.99
C ASP B 175 -26.86 -18.79 -3.23
N TYR B 176 -26.04 -18.68 -2.19
CA TYR B 176 -24.79 -17.92 -2.17
C TYR B 176 -23.78 -18.93 -1.64
N PRO B 177 -23.33 -19.84 -2.50
CA PRO B 177 -22.47 -20.93 -2.04
C PRO B 177 -21.13 -20.47 -1.48
N ASN B 178 -20.55 -19.41 -2.02
CA ASN B 178 -19.29 -18.94 -1.47
C ASN B 178 -19.46 -18.25 -0.11
N LEU B 179 -20.55 -17.54 0.07
CA LEU B 179 -20.84 -17.03 1.41
C LEU B 179 -21.19 -18.14 2.40
N THR B 180 -21.85 -19.22 1.95
CA THR B 180 -22.01 -20.40 2.80
C THR B 180 -20.66 -21.01 3.15
N LYS B 181 -19.73 -21.04 2.20
CA LYS B 181 -18.37 -21.48 2.49
C LYS B 181 -17.69 -20.56 3.49
N VAL B 182 -17.90 -19.25 3.38
CA VAL B 182 -17.43 -18.35 4.42
C VAL B 182 -18.00 -18.77 5.77
N LYS B 183 -19.31 -18.91 5.84
CA LYS B 183 -19.97 -19.33 7.07
C LYS B 183 -19.34 -20.61 7.63
N GLN B 184 -19.15 -21.61 6.77
CA GLN B 184 -18.58 -22.89 7.20
C GLN B 184 -17.18 -22.71 7.73
N ASN B 185 -16.34 -22.00 6.97
CA ASN B 185 -14.96 -21.74 7.36
C ASN B 185 -14.87 -21.06 8.72
N ILE B 186 -15.81 -20.16 8.98
CA ILE B 186 -15.76 -19.44 10.26
C ILE B 186 -16.31 -20.30 11.41
N LEU B 187 -17.42 -21.03 11.17
CA LEU B 187 -17.95 -21.96 12.16
C LEU B 187 -17.01 -23.11 12.47
N GLU B 188 -16.08 -23.42 11.56
CA GLU B 188 -15.10 -24.47 11.79
C GLU B 188 -13.97 -24.06 12.72
N VAL B 189 -13.79 -22.76 12.95
CA VAL B 189 -12.74 -22.22 13.80
C VAL B 189 -12.98 -22.66 15.24
N PRO B 190 -12.02 -23.34 15.86
CA PRO B 190 -12.31 -23.92 17.19
C PRO B 190 -12.79 -22.95 18.24
N SER B 191 -12.16 -21.80 18.38
CA SER B 191 -12.59 -20.86 19.41
C SER B 191 -13.97 -20.25 19.14
N ILE B 192 -14.35 -20.10 17.88
CA ILE B 192 -15.69 -19.60 17.60
C ILE B 192 -16.75 -20.65 17.87
N LYS B 193 -16.51 -21.89 17.43
CA LYS B 193 -17.39 -22.99 17.76
C LYS B 193 -17.53 -23.11 19.27
N GLU B 194 -16.41 -23.05 19.99
CA GLU B 194 -16.45 -23.12 21.45
C GLU B 194 -17.30 -22.00 22.04
N TRP B 195 -17.12 -20.78 21.56
CA TRP B 195 -17.97 -19.68 22.04
C TRP B 195 -19.45 -19.93 21.75
N ILE B 196 -19.78 -20.31 20.53
CA ILE B 196 -21.19 -20.53 20.19
C ILE B 196 -21.79 -21.64 21.04
N LYS B 197 -21.01 -22.67 21.31
CA LYS B 197 -21.49 -23.72 22.20
C LYS B 197 -21.70 -23.21 23.62
N LYS B 198 -20.75 -22.44 24.13
CA LYS B 198 -20.79 -21.97 25.51
C LYS B 198 -21.81 -20.87 25.76
N ARG B 199 -21.96 -19.95 24.81
CA ARG B 199 -22.77 -18.75 25.03
C ARG B 199 -24.21 -19.04 25.44
N PRO B 200 -24.80 -18.12 26.21
CA PRO B 200 -26.21 -18.23 26.58
C PRO B 200 -27.17 -18.32 25.40
N THR B 201 -28.23 -19.10 25.63
CA THR B 201 -29.36 -19.21 24.72
C THR B 201 -30.24 -17.97 24.94
N ASN B 202 -30.65 -17.34 23.85
CA ASN B 202 -31.61 -16.25 23.91
C ASN B 202 -32.96 -16.70 23.36
N PRO B 203 -33.98 -16.87 24.20
CA PRO B 203 -35.24 -17.42 23.68
C PRO B 203 -35.92 -16.54 22.65
N MET B 204 -35.45 -15.32 22.45
CA MET B 204 -36.06 -14.52 21.42
C MET B 204 -35.48 -14.85 20.04
N LEU B 205 -34.38 -15.61 19.97
CA LEU B 205 -33.78 -16.02 18.70
C LEU B 205 -34.45 -17.32 18.23
N SER B 206 -35.08 -17.27 17.06
CA SER B 206 -35.50 -18.48 16.37
C SER B 206 -34.37 -19.11 15.55
N PHE B 207 -33.52 -18.26 14.95
CA PHE B 207 -32.29 -18.65 14.28
C PHE B 207 -31.03 -18.54 15.12
N ASP B 208 -30.59 -19.67 15.65
CA ASP B 208 -29.37 -19.80 16.44
C ASP B 208 -28.32 -20.68 15.74
N LEU B 209 -27.11 -20.12 15.61
CA LEU B 209 -25.95 -20.84 15.06
C LEU B 209 -25.60 -22.09 15.87
N LYS B 210 -26.06 -22.20 17.10
CA LYS B 210 -25.85 -23.40 17.89
C LYS B 210 -26.35 -24.61 17.15
N SER B 211 -27.37 -24.46 16.30
CA SER B 211 -27.89 -25.57 15.51
C SER B 211 -27.03 -25.96 14.32
N GLN B 212 -25.94 -25.25 14.05
CA GLN B 212 -25.08 -25.52 12.90
C GLN B 212 -23.70 -26.03 13.30
N VAL B 213 -23.50 -26.29 14.58
CA VAL B 213 -22.21 -26.73 15.09
C VAL B 213 -22.41 -28.03 15.87
N THR C 4 -6.11 -8.15 -10.84
CA THR C 4 -5.67 -9.01 -11.93
C THR C 4 -4.22 -8.78 -12.23
N TYR C 5 -3.49 -9.81 -12.66
CA TYR C 5 -2.14 -9.67 -13.15
C TYR C 5 -2.00 -10.39 -14.48
N LYS C 6 -1.28 -9.77 -15.41
CA LYS C 6 -0.80 -10.45 -16.60
C LYS C 6 0.70 -10.33 -16.72
N VAL C 7 1.38 -11.44 -16.90
CA VAL C 7 2.83 -11.41 -17.07
C VAL C 7 3.02 -11.55 -18.59
N HIS C 8 3.44 -10.47 -19.23
CA HIS C 8 3.74 -10.46 -20.65
C HIS C 8 5.20 -10.80 -20.81
N TYR C 9 5.49 -11.89 -21.47
CA TYR C 9 6.87 -12.24 -21.78
C TYR C 9 6.92 -13.18 -22.95
N PHE C 10 8.14 -13.41 -23.44
CA PHE C 10 8.40 -14.45 -24.42
C PHE C 10 8.10 -15.83 -23.84
N ASP C 11 7.97 -16.81 -24.71
CA ASP C 11 7.79 -18.20 -24.29
C ASP C 11 9.11 -18.78 -23.77
N PHE C 12 9.73 -18.10 -22.79
CA PHE C 12 10.82 -18.79 -22.10
C PHE C 12 11.02 -18.34 -20.66
N THR C 13 11.81 -19.15 -19.94
CA THR C 13 12.16 -18.95 -18.53
C THR C 13 13.15 -17.80 -18.44
N GLY C 14 12.77 -16.65 -19.02
CA GLY C 14 13.54 -15.42 -18.93
C GLY C 14 13.48 -14.62 -17.68
N ARG C 15 13.39 -13.35 -17.93
CA ARG C 15 13.36 -12.34 -16.93
C ARG C 15 12.04 -12.39 -16.20
N ALA C 16 11.09 -13.08 -16.80
CA ALA C 16 9.77 -13.26 -16.24
C ALA C 16 9.60 -14.44 -15.30
N GLU C 17 10.45 -15.45 -15.39
CA GLU C 17 10.25 -16.61 -14.53
C GLU C 17 10.18 -16.25 -13.04
N PRO C 18 11.03 -15.38 -12.52
CA PRO C 18 10.89 -15.01 -11.11
C PRO C 18 9.58 -14.31 -10.84
N ILE C 19 9.06 -13.55 -11.79
CA ILE C 19 7.77 -12.89 -11.62
C ILE C 19 6.70 -13.93 -11.46
N ARG C 20 6.69 -14.89 -12.37
CA ARG C 20 5.72 -15.97 -12.36
C ARG C 20 5.80 -16.76 -11.07
N MET C 21 7.01 -17.08 -10.64
CA MET C 21 7.16 -17.88 -9.42
C MET C 21 6.75 -17.12 -8.16
N ILE C 22 7.02 -15.81 -8.08
CA ILE C 22 6.54 -15.02 -6.94
C ILE C 22 5.02 -14.94 -6.95
N LEU C 23 4.43 -14.70 -8.11
CA LEU C 23 2.96 -14.69 -8.18
C LEU C 23 2.38 -16.03 -7.73
N SER C 24 2.96 -17.12 -8.21
CA SER C 24 2.52 -18.44 -7.79
C SER C 24 2.73 -18.69 -6.30
N TYR C 25 3.88 -18.31 -5.76
CA TYR C 25 4.10 -18.46 -4.34
C TYR C 25 2.99 -17.79 -3.56
N GLY C 26 2.66 -16.58 -3.91
CA GLY C 26 1.61 -15.87 -3.22
C GLY C 26 0.23 -16.36 -3.60
N LYS C 27 0.13 -17.34 -4.49
CA LYS C 27 -1.16 -17.77 -5.02
C LYS C 27 -2.00 -16.61 -5.56
N LEU C 28 -1.34 -15.69 -6.26
CA LEU C 28 -1.96 -14.55 -6.89
C LEU C 28 -2.32 -14.94 -8.32
N ASP C 29 -3.59 -15.00 -8.62
CA ASP C 29 -4.04 -15.39 -9.93
C ASP C 29 -3.47 -14.48 -11.03
N PHE C 30 -2.89 -15.08 -12.07
CA PHE C 30 -2.31 -14.33 -13.17
C PHE C 30 -2.45 -15.11 -14.47
N GLU C 31 -2.55 -14.35 -15.55
CA GLU C 31 -2.43 -14.86 -16.92
C GLU C 31 -0.99 -14.75 -17.38
N ASP C 32 -0.43 -15.87 -17.86
CA ASP C 32 0.91 -15.87 -18.43
C ASP C 32 0.86 -15.69 -19.95
N VAL C 33 0.88 -14.43 -20.38
CA VAL C 33 0.77 -14.06 -21.79
C VAL C 33 2.16 -14.20 -22.44
N ARG C 34 2.36 -15.31 -23.16
CA ARG C 34 3.63 -15.63 -23.81
C ARG C 34 3.60 -15.13 -25.26
N VAL C 35 4.41 -14.12 -25.53
CA VAL C 35 4.43 -13.40 -26.79
C VAL C 35 5.57 -13.93 -27.65
N SER C 36 5.26 -14.35 -28.87
CA SER C 36 6.33 -14.72 -29.79
C SER C 36 7.15 -13.50 -30.22
N ARG C 37 8.30 -13.78 -30.83
CA ARG C 37 9.19 -12.76 -31.36
C ARG C 37 8.53 -11.91 -32.44
N GLU C 38 7.66 -12.50 -33.24
CA GLU C 38 7.00 -11.73 -34.28
C GLU C 38 6.00 -10.75 -33.69
N GLU C 39 5.19 -11.26 -32.77
CA GLU C 39 4.24 -10.42 -32.06
C GLU C 39 5.00 -9.35 -31.29
N PHE C 40 6.16 -9.71 -30.75
CA PHE C 40 6.99 -8.71 -30.05
C PHE C 40 7.43 -7.57 -30.97
N GLN C 41 7.82 -7.86 -32.20
CA GLN C 41 8.14 -6.72 -33.07
C GLN C 41 6.92 -5.84 -33.35
N LYS C 42 5.73 -6.43 -33.47
CA LYS C 42 4.56 -5.58 -33.72
C LYS C 42 4.11 -4.79 -32.48
N LEU C 43 4.20 -5.39 -31.29
CA LEU C 43 3.79 -4.76 -30.04
C LEU C 43 4.79 -3.75 -29.49
N LYS C 44 6.08 -3.95 -29.72
CA LYS C 44 7.17 -3.20 -29.10
C LYS C 44 7.02 -1.70 -29.07
N PRO C 45 6.50 -1.04 -30.11
CA PRO C 45 6.33 0.42 -30.00
C PRO C 45 5.35 0.83 -28.89
N THR C 46 4.48 -0.06 -28.42
CA THR C 46 3.51 0.26 -27.37
C THR C 46 3.99 -0.08 -25.95
N LEU C 47 5.10 -0.79 -25.79
CA LEU C 47 5.63 -1.17 -24.49
C LEU C 47 6.37 0.01 -23.88
N PRO C 48 6.19 0.27 -22.57
CA PRO C 48 6.76 1.49 -21.99
C PRO C 48 8.23 1.67 -22.29
N LEU C 49 8.99 0.57 -22.36
CA LEU C 49 10.41 0.61 -22.71
C LEU C 49 10.69 -0.19 -23.98
N GLY C 50 9.65 -0.61 -24.70
CA GLY C 50 9.75 -1.49 -25.86
C GLY C 50 10.38 -2.82 -25.55
N GLN C 51 10.31 -3.27 -24.30
CA GLN C 51 11.01 -4.45 -23.81
C GLN C 51 10.10 -5.31 -22.94
N LEU C 52 10.42 -6.58 -22.86
CA LEU C 52 9.82 -7.52 -21.94
C LEU C 52 10.83 -7.95 -20.92
N PRO C 53 10.38 -8.40 -19.74
CA PRO C 53 8.97 -8.58 -19.38
C PRO C 53 8.23 -7.32 -19.01
N VAL C 54 6.91 -7.38 -19.08
CA VAL C 54 6.04 -6.34 -18.55
C VAL C 54 4.96 -6.99 -17.69
N LEU C 55 4.66 -6.37 -16.54
CA LEU C 55 3.50 -6.73 -15.73
C LEU C 55 2.36 -5.79 -16.13
N GLU C 56 1.30 -6.39 -16.64
CA GLU C 56 0.01 -5.74 -16.82
C GLU C 56 -0.77 -5.85 -15.52
N PHE C 57 -1.12 -4.71 -14.96
CA PHE C 57 -1.89 -4.69 -13.72
C PHE C 57 -2.78 -3.48 -13.71
N GLN C 58 -4.07 -3.75 -13.52
CA GLN C 58 -5.09 -2.71 -13.47
C GLN C 58 -4.96 -1.76 -14.65
N GLY C 59 -4.68 -2.32 -15.83
CA GLY C 59 -4.51 -1.52 -17.02
C GLY C 59 -3.19 -0.79 -17.18
N HIS C 60 -2.25 -0.95 -16.27
CA HIS C 60 -0.95 -0.32 -16.37
C HIS C 60 0.04 -1.35 -16.89
N MET C 61 0.88 -0.91 -17.82
CA MET C 61 2.07 -1.65 -18.24
C MET C 61 3.31 -1.26 -17.46
N ILE C 62 3.74 -2.15 -16.58
CA ILE C 62 4.84 -1.88 -15.65
C ILE C 62 6.08 -2.60 -16.16
N PRO C 63 7.16 -1.88 -16.54
CA PRO C 63 8.43 -2.54 -16.92
C PRO C 63 9.36 -2.85 -15.75
N GLN C 64 10.58 -3.34 -16.06
CA GLN C 64 11.65 -3.59 -15.09
C GLN C 64 11.41 -4.74 -14.15
N SER C 65 11.85 -5.93 -14.56
CA SER C 65 11.58 -7.15 -13.81
C SER C 65 11.97 -7.09 -12.34
N THR C 66 13.11 -6.50 -12.01
CA THR C 66 13.52 -6.48 -10.60
C THR C 66 12.62 -5.59 -9.76
N ALA C 67 12.20 -4.46 -10.31
CA ALA C 67 11.26 -3.63 -9.60
C ALA C 67 9.91 -4.30 -9.42
N ILE C 68 9.44 -4.98 -10.46
CA ILE C 68 8.22 -5.76 -10.39
C ILE C 68 8.33 -6.84 -9.33
N CYS C 69 9.44 -7.58 -9.33
CA CYS C 69 9.61 -8.63 -8.32
C CYS C 69 9.59 -8.10 -6.90
N ARG C 70 10.29 -7.00 -6.65
CA ARG C 70 10.27 -6.39 -5.34
C ARG C 70 8.87 -5.93 -4.94
N PHE C 71 8.13 -5.34 -5.87
CA PHE C 71 6.76 -4.94 -5.60
C PHE C 71 5.85 -6.12 -5.23
N LEU C 72 5.91 -7.19 -6.02
CA LEU C 72 5.07 -8.37 -5.81
C LEU C 72 5.46 -9.18 -4.58
N ALA C 73 6.72 -9.16 -4.18
CA ALA C 73 7.14 -9.81 -2.96
C ALA C 73 6.41 -9.30 -1.73
N ASN C 74 6.07 -8.02 -1.70
CA ASN C 74 5.27 -7.54 -0.59
C ASN C 74 3.89 -8.16 -0.53
N LYS C 75 3.23 -8.34 -1.66
CA LYS C 75 1.92 -8.99 -1.69
C LYS C 75 1.97 -10.47 -1.30
N ALA C 76 3.07 -11.17 -1.57
CA ALA C 76 3.21 -12.60 -1.30
C ALA C 76 3.91 -12.90 0.00
N ASN C 77 4.12 -11.90 0.85
CA ASN C 77 4.85 -12.06 2.10
C ASN C 77 6.26 -12.60 1.90
N LEU C 78 6.86 -12.27 0.75
CA LEU C 78 8.24 -12.60 0.44
C LEU C 78 9.18 -11.42 0.69
N SER C 79 8.65 -10.31 1.18
CA SER C 79 9.47 -9.15 1.46
C SER C 79 9.95 -9.18 2.91
N GLY C 80 10.91 -8.31 3.24
CA GLY C 80 11.29 -8.16 4.63
C GLY C 80 10.27 -7.40 5.45
N LYS C 81 10.35 -7.63 6.74
CA LYS C 81 9.56 -7.01 7.75
C LYS C 81 10.03 -5.61 8.10
N ASP C 82 11.26 -5.28 7.79
CA ASP C 82 11.78 -3.97 8.12
C ASP C 82 12.74 -3.52 7.02
N GLU C 83 13.23 -2.28 7.14
CA GLU C 83 14.17 -1.70 6.16
C GLU C 83 15.47 -2.49 6.04
N PHE C 84 15.94 -3.08 7.13
CA PHE C 84 17.23 -3.76 7.15
C PHE C 84 17.13 -5.16 6.58
N GLU C 85 16.04 -5.85 6.84
CA GLU C 85 15.83 -7.10 6.12
C GLU C 85 15.69 -6.88 4.62
N ASN C 86 14.98 -5.83 4.23
CA ASN C 86 14.89 -5.52 2.81
C ASN C 86 16.26 -5.23 2.24
N LEU C 87 17.06 -4.47 2.94
CA LEU C 87 18.44 -4.25 2.47
C LEU C 87 19.18 -5.56 2.28
N LYS C 88 19.00 -6.48 3.21
CA LYS C 88 19.69 -7.80 3.09
C LYS C 88 19.27 -8.57 1.86
N ILE C 89 17.98 -8.46 1.52
CA ILE C 89 17.47 -9.10 0.33
C ILE C 89 17.97 -8.42 -0.93
N ASP C 90 17.91 -7.09 -1.00
CA ASP C 90 18.38 -6.37 -2.17
C ASP C 90 19.84 -6.63 -2.46
N VAL C 91 20.67 -6.64 -1.42
CA VAL C 91 22.07 -6.98 -1.58
C VAL C 91 22.26 -8.36 -2.17
N ALA C 92 21.47 -9.34 -1.71
CA ALA C 92 21.58 -10.70 -2.28
C ALA C 92 21.13 -10.75 -3.73
N VAL C 93 20.05 -10.05 -4.06
CA VAL C 93 19.58 -10.01 -5.44
C VAL C 93 20.65 -9.41 -6.35
N ASP C 94 21.20 -8.27 -5.96
CA ASP C 94 22.19 -7.63 -6.82
C ASP C 94 23.45 -8.47 -6.98
N THR C 95 23.85 -9.18 -5.93
CA THR C 95 24.95 -10.14 -6.06
C THR C 95 24.67 -11.28 -7.05
N ILE C 96 23.45 -11.78 -7.07
CA ILE C 96 23.11 -12.83 -8.04
C ILE C 96 23.11 -12.31 -9.46
N GLU C 97 22.58 -11.11 -9.63
CA GLU C 97 22.58 -10.43 -10.92
C GLU C 97 23.96 -10.12 -11.43
N ASP C 98 24.85 -9.76 -10.52
CA ASP C 98 26.25 -9.57 -10.88
C ASP C 98 26.91 -10.85 -11.39
N LEU C 99 26.69 -11.96 -10.70
CA LEU C 99 27.18 -13.25 -11.19
C LEU C 99 26.62 -13.54 -12.58
N LYS C 100 25.32 -13.38 -12.75
CA LYS C 100 24.67 -13.71 -14.03
C LYS C 100 25.10 -12.71 -15.09
N LYS C 101 25.56 -11.50 -14.74
CA LYS C 101 26.07 -10.55 -15.71
C LYS C 101 27.42 -10.97 -16.24
N LYS C 102 28.31 -11.33 -15.32
CA LYS C 102 29.61 -11.81 -15.79
C LYS C 102 29.47 -13.03 -16.70
N VAL C 103 28.62 -14.00 -16.32
CA VAL C 103 28.43 -15.21 -17.16
C VAL C 103 27.75 -14.88 -18.49
N SER C 104 26.81 -13.94 -18.50
CA SER C 104 26.17 -13.53 -19.74
C SER C 104 27.16 -12.80 -20.65
N GLU C 105 28.01 -11.96 -20.08
CA GLU C 105 29.03 -11.31 -20.87
C GLU C 105 29.87 -12.34 -21.61
N TRP C 106 30.27 -13.41 -20.92
CA TRP C 106 30.96 -14.48 -21.65
C TRP C 106 30.06 -15.12 -22.70
N ALA C 107 28.85 -15.56 -22.31
CA ALA C 107 28.03 -16.37 -23.20
C ALA C 107 27.58 -15.65 -24.47
N TYR C 108 27.25 -14.36 -24.41
CA TYR C 108 26.76 -13.62 -25.59
C TYR C 108 27.89 -12.88 -26.26
N GLU C 109 28.98 -13.62 -26.33
CA GLU C 109 30.19 -13.30 -27.09
C GLU C 109 30.00 -13.19 -28.59
N LYS C 110 30.66 -12.18 -29.18
CA LYS C 110 30.54 -11.82 -30.58
C LYS C 110 31.77 -12.26 -31.38
N ASN C 111 32.93 -11.63 -31.12
CA ASN C 111 34.24 -12.02 -31.65
C ASN C 111 34.83 -13.22 -30.91
N GLU C 112 35.11 -14.30 -31.66
CA GLU C 112 35.52 -15.60 -31.11
C GLU C 112 36.77 -15.51 -30.23
N GLU C 113 37.73 -14.65 -30.55
CA GLU C 113 38.92 -14.54 -29.70
C GLU C 113 38.51 -14.02 -28.33
N LYS C 114 37.64 -13.01 -28.28
CA LYS C 114 37.11 -12.56 -26.99
C LYS C 114 36.38 -13.72 -26.32
N LYS C 115 35.70 -14.58 -27.09
CA LYS C 115 35.02 -15.72 -26.47
C LYS C 115 36.00 -16.65 -25.77
N LYS C 116 37.10 -16.98 -26.44
CA LYS C 116 38.12 -17.79 -25.79
C LYS C 116 38.70 -17.08 -24.58
N ALA C 117 39.00 -15.79 -24.74
CA ALA C 117 39.51 -15.00 -23.63
C ALA C 117 38.52 -14.86 -22.48
N LEU C 118 37.27 -14.54 -22.76
CA LEU C 118 36.35 -14.46 -21.63
C LEU C 118 36.11 -15.79 -20.94
N GLU C 119 36.05 -16.89 -21.69
CA GLU C 119 35.89 -18.19 -21.08
C GLU C 119 37.09 -18.45 -20.15
N GLU C 120 36.90 -19.40 -19.23
CA GLU C 120 37.93 -19.79 -18.28
C GLU C 120 38.01 -18.70 -17.21
N THR C 121 38.20 -17.43 -17.60
CA THR C 121 38.27 -16.39 -16.58
C THR C 121 36.92 -16.30 -15.87
N THR C 122 35.84 -16.42 -16.64
CA THR C 122 34.49 -16.34 -16.09
C THR C 122 34.17 -17.60 -15.29
N LEU C 123 34.49 -18.76 -15.86
CA LEU C 123 34.12 -20.05 -15.27
C LEU C 123 35.02 -20.45 -14.11
N LYS C 124 36.30 -20.15 -14.18
CA LYS C 124 37.23 -20.57 -13.13
C LYS C 124 37.39 -19.57 -12.01
N GLU C 125 37.14 -18.28 -12.26
CA GLU C 125 37.36 -17.24 -11.27
C GLU C 125 36.07 -16.56 -10.83
N HIS C 126 35.37 -15.90 -11.73
CA HIS C 126 34.22 -15.09 -11.31
C HIS C 126 33.11 -15.94 -10.71
N VAL C 127 32.70 -16.98 -11.39
CA VAL C 127 31.60 -17.80 -10.90
C VAL C 127 31.92 -18.36 -9.51
N PRO C 128 33.06 -19.00 -9.29
CA PRO C 128 33.38 -19.47 -7.92
C PRO C 128 33.43 -18.36 -6.88
N PHE C 129 33.96 -17.19 -7.21
CA PHE C 129 34.00 -16.10 -6.22
C PHE C 129 32.60 -15.76 -5.70
N PHE C 130 31.67 -15.48 -6.60
CA PHE C 130 30.32 -15.09 -6.20
C PHE C 130 29.61 -16.24 -5.50
N LEU C 131 29.77 -17.46 -6.02
CA LEU C 131 29.16 -18.61 -5.36
C LEU C 131 29.71 -18.82 -3.95
N LYS C 132 31.00 -18.62 -3.74
CA LYS C 132 31.56 -18.73 -2.40
C LYS C 132 30.99 -17.67 -1.46
N LYS C 133 30.77 -16.48 -1.98
CA LYS C 133 30.15 -15.46 -1.15
C LYS C 133 28.71 -15.83 -0.77
N LEU C 134 27.92 -16.22 -1.75
CA LEU C 134 26.56 -16.63 -1.50
C LEU C 134 26.49 -17.86 -0.60
N GLU C 135 27.42 -18.79 -0.76
CA GLU C 135 27.50 -19.95 0.12
C GLU C 135 27.73 -19.54 1.56
N ILE C 136 28.61 -18.58 1.79
CA ILE C 136 28.82 -18.11 3.15
C ILE C 136 27.57 -17.46 3.74
N HIS C 137 26.85 -16.72 2.91
CA HIS C 137 25.59 -16.15 3.40
C HIS C 137 24.55 -17.22 3.68
N ALA C 138 24.42 -18.20 2.81
CA ALA C 138 23.47 -19.29 3.02
C ALA C 138 23.77 -20.09 4.28
N GLU C 139 25.04 -20.38 4.53
CA GLU C 139 25.44 -21.07 5.74
C GLU C 139 25.05 -20.27 6.97
N LYS C 140 25.38 -18.99 7.01
CA LYS C 140 25.07 -18.21 8.21
C LYS C 140 23.57 -18.14 8.54
N ASN C 141 22.67 -18.34 7.57
CA ASN C 141 21.23 -18.16 7.77
C ASN C 141 20.44 -19.48 7.76
N GLY C 142 21.10 -20.60 8.03
CA GLY C 142 20.35 -21.82 8.23
C GLY C 142 19.68 -22.41 7.02
N GLY C 143 20.21 -22.11 5.84
CA GLY C 143 19.62 -22.49 4.58
C GLY C 143 18.76 -21.49 3.85
N TYR C 144 18.98 -20.21 4.07
CA TYR C 144 18.41 -19.17 3.23
C TYR C 144 19.53 -18.17 2.93
N LEU C 145 19.30 -17.37 1.89
CA LEU C 145 20.24 -16.38 1.46
C LEU C 145 20.10 -15.09 2.26
N ALA C 146 18.93 -14.91 2.85
CA ALA C 146 18.64 -13.80 3.73
C ALA C 146 17.55 -14.21 4.70
N LEU C 147 17.52 -13.51 5.81
CA LEU C 147 16.43 -13.46 6.78
C LEU C 147 16.14 -14.81 7.44
N ASN C 148 16.99 -15.81 7.26
CA ASN C 148 16.76 -17.16 7.81
C ASN C 148 15.37 -17.72 7.43
N ARG C 149 14.76 -17.24 6.36
CA ARG C 149 13.44 -17.68 5.90
C ARG C 149 13.38 -17.43 4.39
N ILE C 150 12.40 -18.05 3.76
CA ILE C 150 12.17 -17.75 2.35
C ILE C 150 11.91 -16.26 2.12
N SER C 151 12.59 -15.71 1.11
CA SER C 151 12.36 -14.37 0.60
C SER C 151 12.38 -14.44 -0.92
N TRP C 152 12.08 -13.32 -1.56
CA TRP C 152 12.14 -13.29 -3.03
C TRP C 152 13.55 -13.41 -3.53
N ALA C 153 14.55 -13.10 -2.71
CA ALA C 153 15.93 -13.34 -3.10
C ALA C 153 16.17 -14.80 -3.43
N ASP C 154 15.55 -15.71 -2.65
CA ASP C 154 15.72 -17.14 -2.88
C ASP C 154 15.08 -17.60 -4.18
N ILE C 155 13.96 -17.00 -4.57
CA ILE C 155 13.39 -17.29 -5.88
C ILE C 155 14.29 -16.75 -7.00
N ILE C 156 14.82 -15.53 -6.84
CA ILE C 156 15.80 -15.02 -7.80
C ILE C 156 16.98 -15.98 -7.93
N PHE C 157 17.46 -16.50 -6.81
CA PHE C 157 18.57 -17.43 -6.83
C PHE C 157 18.22 -18.72 -7.57
N LEU C 158 17.05 -19.31 -7.28
CA LEU C 158 16.63 -20.52 -7.99
C LEU C 158 16.51 -20.31 -9.51
N CYS C 159 15.92 -19.20 -9.93
CA CYS C 159 15.83 -18.94 -11.36
C CYS C 159 17.19 -18.65 -11.99
N ALA C 160 18.09 -17.98 -11.25
CA ALA C 160 19.44 -17.76 -11.75
C ALA C 160 20.17 -19.07 -11.89
N TYR C 161 19.97 -19.98 -10.92
CA TYR C 161 20.52 -21.33 -11.00
C TYR C 161 20.09 -22.02 -12.28
N GLU C 162 18.80 -22.00 -12.58
CA GLU C 162 18.36 -22.59 -13.85
C GLU C 162 19.04 -21.92 -15.05
N THR C 163 19.05 -20.58 -15.09
CA THR C 163 19.63 -19.86 -16.23
C THR C 163 21.12 -20.18 -16.40
N LEU C 164 21.87 -20.12 -15.31
CA LEU C 164 23.31 -20.36 -15.39
C LEU C 164 23.58 -21.82 -15.73
N GLY C 165 22.79 -22.75 -15.19
CA GLY C 165 22.94 -24.16 -15.56
C GLY C 165 22.77 -24.38 -17.04
N ASN C 166 21.78 -23.73 -17.65
CA ASN C 166 21.63 -23.86 -19.10
C ASN C 166 22.75 -23.16 -19.88
N MET C 167 23.24 -22.01 -19.43
CA MET C 167 24.36 -21.41 -20.17
C MET C 167 25.66 -22.19 -20.00
N LEU C 168 25.94 -22.67 -18.80
CA LEU C 168 27.17 -23.39 -18.51
C LEU C 168 27.03 -24.90 -18.69
N LYS C 169 25.82 -25.43 -18.87
CA LYS C 169 25.60 -26.86 -19.04
C LYS C 169 26.20 -27.69 -17.89
N LYS C 170 26.13 -27.15 -16.67
CA LYS C 170 26.63 -27.84 -15.49
C LYS C 170 25.82 -27.40 -14.28
N ASP C 171 25.77 -28.29 -13.28
CA ASP C 171 25.25 -27.97 -11.95
C ASP C 171 26.18 -27.05 -11.20
N ILE C 172 25.74 -25.81 -10.93
CA ILE C 172 26.61 -24.86 -10.26
C ILE C 172 26.77 -25.06 -8.76
N LEU C 173 25.96 -25.90 -8.11
CA LEU C 173 25.99 -26.02 -6.66
C LEU C 173 26.68 -27.28 -6.14
N ILE C 174 27.26 -28.09 -7.02
CA ILE C 174 27.83 -29.36 -6.62
C ILE C 174 28.82 -29.22 -5.46
N ASP C 175 29.55 -28.11 -5.43
CA ASP C 175 30.55 -27.86 -4.39
C ASP C 175 30.07 -26.89 -3.32
N TYR C 176 28.79 -26.59 -3.28
CA TYR C 176 28.25 -25.51 -2.45
C TYR C 176 27.08 -26.08 -1.66
N PRO C 177 27.38 -26.82 -0.59
CA PRO C 177 26.31 -27.52 0.14
C PRO C 177 25.28 -26.63 0.81
N ASN C 178 25.65 -25.46 1.31
CA ASN C 178 24.67 -24.58 1.94
C ASN C 178 23.77 -23.93 0.90
N LEU C 179 24.30 -23.62 -0.27
CA LEU C 179 23.44 -23.21 -1.38
C LEU C 179 22.55 -24.36 -1.85
N THR C 180 23.03 -25.60 -1.75
CA THR C 180 22.15 -26.74 -1.96
C THR C 180 21.03 -26.75 -0.94
N LYS C 181 21.31 -26.38 0.31
CA LYS C 181 20.21 -26.24 1.27
C LYS C 181 19.21 -25.15 0.87
N VAL C 182 19.70 -24.02 0.37
CA VAL C 182 18.79 -23.02 -0.20
C VAL C 182 17.94 -23.66 -1.28
N LYS C 183 18.59 -24.31 -2.25
CA LYS C 183 17.89 -24.98 -3.34
C LYS C 183 16.81 -25.94 -2.86
N GLN C 184 17.14 -26.82 -1.92
CA GLN C 184 16.17 -27.77 -1.41
C GLN C 184 15.02 -27.09 -0.70
N ASN C 185 15.33 -26.18 0.24
CA ASN C 185 14.27 -25.50 0.96
C ASN C 185 13.30 -24.79 0.03
N ILE C 186 13.80 -24.19 -1.06
CA ILE C 186 12.90 -23.50 -1.99
C ILE C 186 12.14 -24.47 -2.87
N LEU C 187 12.80 -25.53 -3.34
CA LEU C 187 12.11 -26.56 -4.09
C LEU C 187 11.05 -27.30 -3.28
N GLU C 188 11.12 -27.28 -1.96
CA GLU C 188 10.10 -27.93 -1.14
C GLU C 188 8.80 -27.17 -1.02
N VAL C 189 8.76 -25.90 -1.38
CA VAL C 189 7.52 -25.15 -1.24
C VAL C 189 6.42 -25.64 -2.17
N PRO C 190 5.28 -26.02 -1.65
CA PRO C 190 4.27 -26.66 -2.53
C PRO C 190 3.86 -25.84 -3.73
N SER C 191 3.59 -24.55 -3.56
CA SER C 191 3.16 -23.74 -4.70
C SER C 191 4.27 -23.58 -5.72
N ILE C 192 5.53 -23.60 -5.28
CA ILE C 192 6.66 -23.56 -6.20
C ILE C 192 6.79 -24.88 -6.94
N LYS C 193 6.67 -26.01 -6.22
CA LYS C 193 6.62 -27.31 -6.86
C LYS C 193 5.51 -27.38 -7.90
N GLU C 194 4.31 -26.93 -7.53
CA GLU C 194 3.16 -26.93 -8.44
C GLU C 194 3.44 -26.09 -9.68
N TRP C 195 3.99 -24.89 -9.50
CA TRP C 195 4.34 -24.07 -10.65
C TRP C 195 5.34 -24.77 -11.57
N ILE C 196 6.41 -25.31 -10.99
CA ILE C 196 7.41 -25.97 -11.82
C ILE C 196 6.80 -27.13 -12.59
N LYS C 197 5.86 -27.85 -11.96
CA LYS C 197 5.16 -28.91 -12.70
C LYS C 197 4.31 -28.32 -13.83
N LYS C 198 3.59 -27.23 -13.57
CA LYS C 198 2.70 -26.65 -14.56
C LYS C 198 3.36 -25.92 -15.73
N ARG C 199 4.45 -25.20 -15.51
CA ARG C 199 4.99 -24.36 -16.57
C ARG C 199 5.29 -25.14 -17.85
N PRO C 200 5.19 -24.46 -19.01
CA PRO C 200 5.54 -25.08 -20.28
C PRO C 200 6.94 -25.63 -20.34
N THR C 201 7.09 -26.74 -21.06
CA THR C 201 8.41 -27.26 -21.34
C THR C 201 8.99 -26.40 -22.46
N ASN C 202 10.23 -25.97 -22.28
CA ASN C 202 10.96 -25.29 -23.35
C ASN C 202 12.03 -26.22 -23.87
N PRO C 203 11.89 -26.79 -25.07
CA PRO C 203 12.87 -27.78 -25.52
C PRO C 203 14.26 -27.19 -25.71
N MET C 204 14.42 -25.87 -25.63
CA MET C 204 15.76 -25.35 -25.77
C MET C 204 16.53 -25.40 -24.46
N LEU C 205 15.87 -25.68 -23.35
CA LEU C 205 16.52 -25.79 -22.05
C LEU C 205 17.03 -27.22 -21.93
N SER C 206 18.34 -27.36 -21.77
CA SER C 206 18.91 -28.65 -21.39
C SER C 206 18.85 -28.90 -19.88
N PHE C 207 19.03 -27.85 -19.08
CA PHE C 207 18.81 -27.89 -17.64
C PHE C 207 17.43 -27.39 -17.21
N ASP C 208 16.51 -28.33 -17.00
CA ASP C 208 15.18 -28.01 -16.50
C ASP C 208 14.96 -28.62 -15.12
N LEU C 209 14.59 -27.78 -14.16
CA LEU C 209 14.22 -28.20 -12.80
C LEU C 209 13.01 -29.12 -12.76
N LYS C 210 12.20 -29.14 -13.81
CA LYS C 210 11.09 -30.08 -13.83
C LYS C 210 11.59 -31.50 -13.64
N SER C 211 12.78 -31.80 -14.14
CA SER C 211 13.38 -33.12 -13.98
C SER C 211 13.98 -33.33 -12.60
N GLN C 212 13.95 -32.33 -11.73
CA GLN C 212 14.57 -32.41 -10.42
C GLN C 212 13.56 -32.40 -9.28
N VAL C 213 12.27 -32.40 -9.57
CA VAL C 213 11.27 -32.33 -8.52
C VAL C 213 10.28 -33.49 -8.66
N THR D 4 27.93 5.85 13.43
CA THR D 4 27.93 6.79 12.30
C THR D 4 28.15 6.03 11.00
N TYR D 5 27.55 6.52 9.92
CA TYR D 5 27.83 5.96 8.61
C TYR D 5 29.22 6.39 8.13
N LYS D 6 29.93 5.48 7.51
CA LYS D 6 31.11 5.80 6.71
C LYS D 6 30.98 5.29 5.28
N VAL D 7 31.20 6.16 4.31
CA VAL D 7 31.15 5.80 2.91
C VAL D 7 32.57 5.61 2.39
N HIS D 8 32.94 4.37 2.13
CA HIS D 8 34.22 4.01 1.55
C HIS D 8 34.06 3.97 0.03
N TYR D 9 34.81 4.82 -0.65
CA TYR D 9 34.85 4.84 -2.11
C TYR D 9 36.13 5.47 -2.61
N PHE D 10 36.35 5.37 -3.91
CA PHE D 10 37.42 6.10 -4.57
C PHE D 10 37.17 7.61 -4.46
N ASP D 11 38.21 8.38 -4.69
CA ASP D 11 38.00 9.82 -4.69
C ASP D 11 37.31 10.33 -5.93
N PHE D 12 36.12 9.82 -6.31
CA PHE D 12 35.37 10.56 -7.32
C PHE D 12 33.86 10.34 -7.20
N THR D 13 33.07 11.20 -7.86
CA THR D 13 31.59 11.15 -7.80
C THR D 13 31.15 9.96 -8.62
N GLY D 14 31.34 8.74 -8.10
CA GLY D 14 31.04 7.51 -8.85
C GLY D 14 29.79 6.83 -8.35
N ARG D 15 29.89 5.59 -7.88
CA ARG D 15 28.75 4.81 -7.46
C ARG D 15 28.35 5.26 -6.09
N ALA D 16 29.26 6.02 -5.42
CA ALA D 16 29.03 6.58 -4.11
C ALA D 16 28.36 7.95 -4.11
N GLU D 17 28.42 8.73 -5.19
CA GLU D 17 27.84 10.08 -5.10
C GLU D 17 26.37 10.10 -4.71
N PRO D 18 25.52 9.23 -5.23
CA PRO D 18 24.14 9.23 -4.76
C PRO D 18 24.04 8.87 -3.30
N ILE D 19 24.95 8.01 -2.82
CA ILE D 19 24.96 7.67 -1.41
C ILE D 19 25.24 8.88 -0.56
N ARG D 20 26.31 9.61 -0.90
CA ARG D 20 26.69 10.81 -0.16
C ARG D 20 25.58 11.85 -0.22
N MET D 21 24.98 12.07 -1.38
CA MET D 21 23.94 13.07 -1.50
C MET D 21 22.67 12.68 -0.72
N ILE D 22 22.33 11.39 -0.70
CA ILE D 22 21.20 10.96 0.12
C ILE D 22 21.50 11.13 1.60
N LEU D 23 22.70 10.78 2.03
CA LEU D 23 23.05 11.00 3.41
C LEU D 23 22.98 12.47 3.79
N SER D 24 23.49 13.33 2.93
CA SER D 24 23.43 14.77 3.15
C SER D 24 22.01 15.32 3.18
N TYR D 25 21.14 14.88 2.28
CA TYR D 25 19.75 15.33 2.32
C TYR D 25 19.14 15.10 3.69
N GLY D 26 19.32 13.90 4.22
CA GLY D 26 18.79 13.52 5.51
C GLY D 26 19.53 14.04 6.71
N LYS D 27 20.59 14.81 6.51
CA LYS D 27 21.48 15.23 7.60
C LYS D 27 21.98 14.11 8.50
N LEU D 28 22.35 13.01 7.90
CA LEU D 28 22.90 11.89 8.64
C LEU D 28 24.42 12.10 8.64
N ASP D 29 24.99 12.39 9.80
CA ASP D 29 26.44 12.62 9.86
C ASP D 29 27.17 11.41 9.33
N PHE D 30 28.11 11.64 8.40
CA PHE D 30 28.90 10.56 7.83
C PHE D 30 30.33 10.95 7.49
N GLU D 31 31.20 9.94 7.55
CA GLU D 31 32.57 10.04 7.03
C GLU D 31 32.68 9.57 5.58
N ASP D 32 33.24 10.43 4.75
CA ASP D 32 33.52 10.13 3.35
C ASP D 32 34.96 9.60 3.18
N VAL D 33 35.15 8.29 3.30
CA VAL D 33 36.49 7.71 3.21
C VAL D 33 36.86 7.58 1.73
N ARG D 34 37.67 8.50 1.22
CA ARG D 34 38.08 8.50 -0.19
C ARG D 34 39.39 7.72 -0.33
N VAL D 35 39.31 6.56 -0.98
CA VAL D 35 40.38 5.57 -1.06
C VAL D 35 41.13 5.72 -2.39
N SER D 36 42.45 5.86 -2.30
CA SER D 36 43.28 5.84 -3.50
C SER D 36 43.33 4.45 -4.14
N ARG D 37 43.85 4.41 -5.36
CA ARG D 37 44.02 3.15 -6.10
C ARG D 37 44.95 2.18 -5.38
N GLU D 38 45.98 2.69 -4.71
CA GLU D 38 46.87 1.79 -4.01
C GLU D 38 46.16 1.19 -2.82
N GLU D 39 45.47 2.04 -2.07
CA GLU D 39 44.67 1.56 -0.96
C GLU D 39 43.58 0.60 -1.39
N PHE D 40 42.95 0.82 -2.55
CA PHE D 40 41.96 -0.15 -3.01
C PHE D 40 42.56 -1.52 -3.27
N GLN D 41 43.75 -1.58 -3.90
CA GLN D 41 44.41 -2.87 -4.10
C GLN D 41 44.77 -3.54 -2.79
N LYS D 42 45.13 -2.74 -1.80
CA LYS D 42 45.50 -3.26 -0.49
C LYS D 42 44.29 -3.75 0.31
N LEU D 43 43.16 -3.05 0.20
CA LEU D 43 41.91 -3.35 0.89
C LEU D 43 41.10 -4.47 0.27
N LYS D 44 41.17 -4.63 -1.05
CA LYS D 44 40.28 -5.53 -1.77
C LYS D 44 40.07 -6.92 -1.20
N PRO D 45 41.06 -7.64 -0.67
CA PRO D 45 40.74 -8.99 -0.12
C PRO D 45 39.77 -8.99 1.05
N THR D 46 39.61 -7.87 1.74
CA THR D 46 38.71 -7.79 2.87
C THR D 46 37.31 -7.29 2.50
N LEU D 47 37.10 -6.79 1.33
CA LEU D 47 35.79 -6.27 0.94
C LEU D 47 34.87 -7.41 0.54
N PRO D 48 33.62 -7.37 0.99
CA PRO D 48 32.73 -8.52 0.75
C PRO D 48 32.63 -8.94 -0.71
N LEU D 49 32.68 -8.00 -1.65
CA LEU D 49 32.66 -8.32 -3.07
C LEU D 49 33.90 -7.86 -3.79
N GLY D 50 34.92 -7.43 -3.04
CA GLY D 50 36.13 -6.82 -3.56
C GLY D 50 35.91 -5.58 -4.37
N GLN D 51 34.81 -4.86 -4.15
CA GLN D 51 34.40 -3.70 -4.96
C GLN D 51 33.97 -2.59 -4.03
N LEU D 52 34.04 -1.38 -4.54
CA LEU D 52 33.49 -0.19 -3.91
C LEU D 52 32.32 0.36 -4.71
N PRO D 53 31.42 1.11 -4.08
CA PRO D 53 31.45 1.56 -2.68
C PRO D 53 31.01 0.56 -1.63
N VAL D 54 31.38 0.82 -0.38
CA VAL D 54 30.86 0.07 0.75
C VAL D 54 30.40 1.09 1.79
N LEU D 55 29.25 0.81 2.40
CA LEU D 55 28.78 1.54 3.56
C LEU D 55 29.20 0.78 4.80
N GLU D 56 30.03 1.41 5.64
CA GLU D 56 30.30 0.96 6.99
C GLU D 56 29.22 1.49 7.91
N PHE D 57 28.49 0.57 8.52
CA PHE D 57 27.43 0.88 9.45
C PHE D 57 27.38 -0.26 10.44
N GLN D 58 27.38 0.09 11.71
CA GLN D 58 27.31 -0.89 12.79
C GLN D 58 28.35 -1.99 12.65
N GLY D 59 29.56 -1.65 12.24
CA GLY D 59 30.55 -2.69 12.11
C GLY D 59 30.41 -3.59 10.90
N HIS D 60 29.42 -3.34 10.04
CA HIS D 60 29.17 -4.13 8.85
C HIS D 60 29.75 -3.47 7.61
N MET D 61 30.34 -4.30 6.76
CA MET D 61 30.70 -3.91 5.41
C MET D 61 29.53 -4.23 4.50
N ILE D 62 28.80 -3.21 4.09
CA ILE D 62 27.57 -3.41 3.32
C ILE D 62 27.86 -3.04 1.87
N PRO D 63 27.79 -3.97 0.94
CA PRO D 63 27.96 -3.59 -0.47
C PRO D 63 26.71 -3.14 -1.21
N GLN D 64 26.87 -2.92 -2.53
CA GLN D 64 25.81 -2.61 -3.49
C GLN D 64 25.17 -1.24 -3.34
N SER D 65 25.73 -0.26 -4.05
CA SER D 65 25.30 1.12 -3.93
C SER D 65 23.81 1.29 -4.11
N THR D 66 23.18 0.60 -5.04
CA THR D 66 21.75 0.81 -5.24
C THR D 66 20.92 0.29 -4.06
N ALA D 67 21.30 -0.84 -3.50
CA ALA D 67 20.65 -1.36 -2.31
C ALA D 67 20.89 -0.43 -1.12
N ILE D 68 22.11 0.07 -0.98
CA ILE D 68 22.42 1.07 0.03
C ILE D 68 21.57 2.31 -0.15
N CYS D 69 21.46 2.80 -1.38
CA CYS D 69 20.65 3.98 -1.64
C CYS D 69 19.20 3.77 -1.26
N ARG D 70 18.60 2.64 -1.62
CA ARG D 70 17.23 2.39 -1.21
C ARG D 70 17.07 2.33 0.32
N PHE D 71 18.01 1.68 1.01
CA PHE D 71 17.99 1.62 2.48
C PHE D 71 18.09 3.00 3.11
N LEU D 72 19.05 3.81 2.67
CA LEU D 72 19.26 5.15 3.21
C LEU D 72 18.13 6.11 2.82
N ALA D 73 17.50 5.89 1.68
CA ALA D 73 16.37 6.70 1.29
C ALA D 73 15.28 6.68 2.33
N ASN D 74 15.11 5.55 3.01
CA ASN D 74 14.17 5.51 4.12
C ASN D 74 14.59 6.42 5.27
N LYS D 75 15.88 6.47 5.60
CA LYS D 75 16.32 7.35 6.68
C LYS D 75 16.17 8.85 6.38
N ALA D 76 16.23 9.26 5.14
CA ALA D 76 16.18 10.67 4.74
C ALA D 76 14.82 11.13 4.27
N ASN D 77 13.79 10.36 4.49
CA ASN D 77 12.48 10.71 3.96
C ASN D 77 12.47 10.85 2.44
N LEU D 78 13.32 10.10 1.75
CA LEU D 78 13.33 10.06 0.31
C LEU D 78 12.62 8.84 -0.27
N SER D 79 12.04 7.99 0.56
CA SER D 79 11.37 6.81 0.06
C SER D 79 9.87 7.03 -0.16
N GLY D 80 9.24 6.07 -0.83
CA GLY D 80 7.80 6.07 -0.94
C GLY D 80 7.09 5.65 0.34
N LYS D 81 5.84 6.09 0.45
CA LYS D 81 5.05 5.71 1.62
C LYS D 81 4.52 4.30 1.54
N ASP D 82 4.44 3.72 0.36
CA ASP D 82 3.90 2.37 0.18
C ASP D 82 4.64 1.64 -0.90
N GLU D 83 4.26 0.38 -1.10
CA GLU D 83 4.89 -0.44 -2.13
C GLU D 83 4.74 0.14 -3.53
N PHE D 84 3.64 0.85 -3.82
CA PHE D 84 3.39 1.32 -5.18
C PHE D 84 4.14 2.59 -5.52
N GLU D 85 4.27 3.48 -4.55
CA GLU D 85 5.18 4.59 -4.74
C GLU D 85 6.62 4.11 -4.86
N ASN D 86 6.98 3.11 -4.06
CA ASN D 86 8.31 2.54 -4.21
C ASN D 86 8.50 1.90 -5.57
N LEU D 87 7.51 1.18 -6.05
CA LEU D 87 7.61 0.65 -7.40
C LEU D 87 7.85 1.76 -8.42
N LYS D 88 7.16 2.88 -8.29
CA LYS D 88 7.40 3.97 -9.23
C LYS D 88 8.83 4.48 -9.14
N ILE D 89 9.36 4.51 -7.94
CA ILE D 89 10.73 4.95 -7.80
C ILE D 89 11.71 3.93 -8.37
N ASP D 90 11.50 2.66 -8.05
CA ASP D 90 12.41 1.63 -8.55
C ASP D 90 12.44 1.60 -10.07
N VAL D 91 11.26 1.70 -10.69
CA VAL D 91 11.15 1.77 -12.14
C VAL D 91 11.90 2.94 -12.71
N ALA D 92 11.82 4.11 -12.07
CA ALA D 92 12.57 5.27 -12.56
C ALA D 92 14.06 5.07 -12.42
N VAL D 93 14.49 4.49 -11.29
CA VAL D 93 15.91 4.27 -11.10
C VAL D 93 16.46 3.33 -12.15
N ASP D 94 15.79 2.20 -12.36
CA ASP D 94 16.27 1.23 -13.34
C ASP D 94 16.25 1.78 -14.75
N THR D 95 15.25 2.61 -15.06
CA THR D 95 15.26 3.29 -16.35
C THR D 95 16.46 4.21 -16.55
N ILE D 96 16.84 4.93 -15.50
CA ILE D 96 18.00 5.80 -15.61
C ILE D 96 19.28 4.98 -15.73
N GLU D 97 19.38 3.89 -14.97
CA GLU D 97 20.56 3.05 -15.09
C GLU D 97 20.67 2.37 -16.45
N ASP D 98 19.56 1.95 -17.05
CA ASP D 98 19.63 1.38 -18.40
C ASP D 98 20.15 2.39 -19.44
N LEU D 99 19.63 3.61 -19.40
CA LEU D 99 20.15 4.66 -20.27
C LEU D 99 21.64 4.87 -20.04
N LYS D 100 22.02 5.03 -18.78
CA LYS D 100 23.42 5.21 -18.43
C LYS D 100 24.28 4.03 -18.87
N LYS D 101 23.77 2.80 -18.82
CA LYS D 101 24.55 1.66 -19.27
C LYS D 101 24.86 1.74 -20.77
N LYS D 102 23.85 1.99 -21.61
CA LYS D 102 24.13 2.15 -23.05
C LYS D 102 25.14 3.27 -23.33
N VAL D 103 24.98 4.40 -22.67
CA VAL D 103 25.94 5.47 -22.90
C VAL D 103 27.34 5.04 -22.44
N SER D 104 27.43 4.26 -21.37
CA SER D 104 28.72 3.75 -20.92
C SER D 104 29.28 2.79 -21.95
N GLU D 105 28.42 1.97 -22.54
CA GLU D 105 28.85 1.06 -23.61
C GLU D 105 29.54 1.83 -24.72
N TRP D 106 28.94 2.95 -25.13
CA TRP D 106 29.61 3.79 -26.11
C TRP D 106 30.90 4.38 -25.54
N ALA D 107 30.84 5.01 -24.37
CA ALA D 107 31.97 5.77 -23.88
C ALA D 107 33.20 4.92 -23.61
N TYR D 108 33.04 3.71 -23.10
CA TYR D 108 34.21 2.91 -22.79
C TYR D 108 34.60 1.91 -23.87
N GLU D 109 33.84 1.83 -24.96
CA GLU D 109 34.30 1.04 -26.10
C GLU D 109 35.57 1.57 -26.74
N LYS D 110 36.51 0.66 -27.01
CA LYS D 110 37.81 0.99 -27.59
C LYS D 110 37.97 0.52 -29.03
N ASN D 111 37.20 -0.48 -29.48
CA ASN D 111 37.28 -0.80 -30.90
C ASN D 111 36.54 0.32 -31.61
N GLU D 112 37.32 1.07 -32.39
CA GLU D 112 36.83 2.28 -33.02
C GLU D 112 35.64 2.05 -33.94
N GLU D 113 35.67 0.97 -34.71
CA GLU D 113 34.54 0.71 -35.60
C GLU D 113 33.28 0.38 -34.82
N LYS D 114 33.39 -0.53 -33.85
CA LYS D 114 32.24 -0.83 -33.00
C LYS D 114 31.84 0.42 -32.22
N LYS D 115 32.82 1.20 -31.78
CA LYS D 115 32.52 2.42 -31.05
C LYS D 115 31.74 3.43 -31.89
N LYS D 116 32.16 3.64 -33.13
CA LYS D 116 31.45 4.52 -34.06
C LYS D 116 30.03 4.05 -34.40
N ALA D 117 29.89 2.75 -34.65
CA ALA D 117 28.57 2.20 -34.93
C ALA D 117 27.67 2.40 -33.73
N LEU D 118 28.19 2.09 -32.55
CA LEU D 118 27.44 2.31 -31.33
C LEU D 118 27.18 3.79 -31.09
N GLU D 119 28.10 4.66 -31.46
CA GLU D 119 27.90 6.10 -31.28
C GLU D 119 26.69 6.67 -31.98
N GLU D 120 26.54 6.38 -33.27
CA GLU D 120 25.38 6.96 -33.93
C GLU D 120 24.08 6.48 -33.25
N THR D 121 23.90 5.18 -33.10
CA THR D 121 22.68 4.64 -32.51
C THR D 121 22.47 5.09 -31.07
N THR D 122 23.54 5.18 -30.28
CA THR D 122 23.40 5.58 -28.89
C THR D 122 22.98 7.03 -28.77
N LEU D 123 23.63 7.95 -29.51
CA LEU D 123 23.32 9.36 -29.32
C LEU D 123 22.01 9.75 -30.00
N LYS D 124 21.74 9.16 -31.17
CA LYS D 124 20.56 9.46 -31.97
C LYS D 124 19.37 8.58 -31.66
N GLU D 125 19.51 7.33 -31.19
CA GLU D 125 18.31 6.50 -30.95
C GLU D 125 18.19 6.22 -29.45
N HIS D 126 19.12 5.52 -28.76
CA HIS D 126 18.78 5.13 -27.39
C HIS D 126 18.58 6.32 -26.46
N VAL D 127 19.51 7.23 -26.44
CA VAL D 127 19.42 8.35 -25.50
C VAL D 127 18.12 9.15 -25.66
N PRO D 128 17.74 9.60 -26.84
CA PRO D 128 16.46 10.30 -26.96
C PRO D 128 15.26 9.47 -26.52
N PHE D 129 15.23 8.18 -26.82
CA PHE D 129 14.10 7.34 -26.40
C PHE D 129 13.91 7.38 -24.88
N PHE D 130 14.96 7.08 -24.13
CA PHE D 130 14.85 7.06 -22.67
C PHE D 130 14.59 8.44 -22.10
N LEU D 131 15.25 9.47 -22.63
CA LEU D 131 14.97 10.82 -22.16
C LEU D 131 13.53 11.24 -22.42
N LYS D 132 12.96 10.88 -23.57
CA LYS D 132 11.55 11.18 -23.82
C LYS D 132 10.63 10.47 -22.85
N LYS D 133 10.97 9.24 -22.49
CA LYS D 133 10.15 8.54 -21.49
C LYS D 133 10.22 9.21 -20.11
N LEU D 134 11.43 9.50 -19.65
CA LEU D 134 11.58 10.19 -18.37
C LEU D 134 10.95 11.57 -18.39
N GLU D 135 11.05 12.29 -19.51
CA GLU D 135 10.38 13.58 -19.63
C GLU D 135 8.86 13.50 -19.49
N ILE D 136 8.22 12.51 -20.11
CA ILE D 136 6.77 12.38 -19.91
C ILE D 136 6.44 12.05 -18.46
N HIS D 137 7.26 11.22 -17.80
CA HIS D 137 7.04 10.97 -16.37
C HIS D 137 7.24 12.23 -15.53
N ALA D 138 8.28 13.00 -15.83
CA ALA D 138 8.49 14.26 -15.11
C ALA D 138 7.32 15.20 -15.30
N GLU D 139 6.78 15.29 -16.52
CA GLU D 139 5.60 16.12 -16.77
C GLU D 139 4.41 15.69 -15.93
N LYS D 140 4.05 14.40 -15.95
CA LYS D 140 2.87 13.97 -15.18
C LYS D 140 2.97 14.21 -13.68
N ASN D 141 4.19 14.29 -13.12
CA ASN D 141 4.38 14.44 -11.68
C ASN D 141 4.92 15.82 -11.34
N GLY D 142 4.73 16.78 -12.24
CA GLY D 142 5.07 18.15 -11.91
C GLY D 142 6.58 18.23 -11.82
N GLY D 143 7.09 19.03 -10.90
CA GLY D 143 8.53 19.22 -10.90
C GLY D 143 9.30 18.08 -10.24
N TYR D 144 8.77 16.87 -10.24
CA TYR D 144 9.57 15.72 -9.83
C TYR D 144 9.39 14.59 -10.83
N LEU D 145 10.31 13.63 -10.75
CA LEU D 145 10.28 12.51 -11.68
C LEU D 145 9.39 11.32 -11.38
N ALA D 146 9.68 10.60 -10.29
CA ALA D 146 8.84 9.46 -9.95
C ALA D 146 7.55 9.77 -9.22
N LEU D 147 7.62 10.45 -8.10
CA LEU D 147 6.44 10.99 -7.49
C LEU D 147 6.34 12.50 -7.67
N ASN D 148 5.35 13.09 -6.99
CA ASN D 148 5.06 14.51 -7.09
C ASN D 148 5.84 15.28 -6.02
N ARG D 149 6.92 14.68 -5.55
CA ARG D 149 7.81 15.19 -4.53
C ARG D 149 9.17 14.59 -4.77
N ILE D 150 10.18 15.21 -4.16
CA ILE D 150 11.52 14.64 -4.21
C ILE D 150 11.55 13.23 -3.63
N SER D 151 12.24 12.34 -4.35
CA SER D 151 12.53 10.98 -3.93
C SER D 151 13.99 10.69 -4.25
N TRP D 152 14.46 9.52 -3.85
CA TRP D 152 15.85 9.17 -4.14
C TRP D 152 16.07 8.97 -5.64
N ALA D 153 15.03 8.72 -6.40
CA ALA D 153 15.17 8.68 -7.85
C ALA D 153 15.71 9.99 -8.38
N ASP D 154 15.27 11.11 -7.80
CA ASP D 154 15.75 12.41 -8.28
C ASP D 154 17.23 12.64 -7.98
N ILE D 155 17.73 12.13 -6.86
CA ILE D 155 19.16 12.18 -6.60
C ILE D 155 19.93 11.29 -7.58
N ILE D 156 19.42 10.09 -7.84
CA ILE D 156 20.01 9.24 -8.89
C ILE D 156 20.06 9.97 -10.23
N PHE D 157 18.96 10.65 -10.57
CA PHE D 157 18.87 11.39 -11.82
C PHE D 157 19.87 12.53 -11.86
N LEU D 158 20.00 13.31 -10.78
CA LEU D 158 20.99 14.37 -10.76
C LEU D 158 22.42 13.85 -10.95
N CYS D 159 22.76 12.75 -10.27
CA CYS D 159 24.08 12.15 -10.46
C CYS D 159 24.27 11.56 -11.84
N ALA D 160 23.21 11.00 -12.41
CA ALA D 160 23.29 10.50 -13.77
C ALA D 160 23.48 11.65 -14.74
N TYR D 161 22.79 12.77 -14.49
CA TYR D 161 22.98 13.96 -15.31
C TYR D 161 24.43 14.39 -15.33
N GLU D 162 25.05 14.51 -14.15
CA GLU D 162 26.47 14.86 -14.11
C GLU D 162 27.33 13.85 -14.87
N THR D 163 27.12 12.55 -14.61
CA THR D 163 27.94 11.51 -15.26
C THR D 163 27.79 11.55 -16.77
N LEU D 164 26.56 11.60 -17.26
CA LEU D 164 26.32 11.57 -18.69
C LEU D 164 26.84 12.85 -19.35
N GLY D 165 26.67 13.99 -18.69
CA GLY D 165 27.25 15.21 -19.22
C GLY D 165 28.75 15.11 -19.39
N ASN D 166 29.42 14.52 -18.41
CA ASN D 166 30.87 14.35 -18.55
C ASN D 166 31.23 13.30 -19.58
N MET D 167 30.46 12.23 -19.73
CA MET D 167 30.81 11.28 -20.78
C MET D 167 30.54 11.83 -22.17
N LEU D 168 29.41 12.52 -22.36
CA LEU D 168 29.06 13.06 -23.67
C LEU D 168 29.57 14.47 -23.87
N LYS D 169 30.07 15.12 -22.82
CA LYS D 169 30.57 16.49 -22.90
C LYS D 169 29.53 17.45 -23.49
N LYS D 170 28.26 17.20 -23.15
CA LYS D 170 27.17 18.06 -23.60
C LYS D 170 26.06 18.00 -22.55
N ASP D 171 25.26 19.07 -22.50
CA ASP D 171 24.00 19.15 -21.76
C ASP D 171 22.94 18.26 -22.41
N ILE D 172 22.52 17.22 -21.69
CA ILE D 172 21.56 16.24 -22.19
C ILE D 172 20.12 16.71 -22.20
N LEU D 173 19.83 17.86 -21.61
CA LEU D 173 18.50 18.41 -21.38
C LEU D 173 18.11 19.53 -22.34
N ILE D 174 18.93 19.78 -23.36
CA ILE D 174 18.69 20.92 -24.23
C ILE D 174 17.25 20.94 -24.74
N ASP D 175 16.68 19.78 -25.01
CA ASP D 175 15.32 19.68 -25.51
C ASP D 175 14.30 19.25 -24.49
N TYR D 176 14.65 19.21 -23.20
CA TYR D 176 13.79 18.57 -22.19
C TYR D 176 13.52 19.46 -20.99
N PRO D 177 12.60 20.43 -21.13
CA PRO D 177 12.40 21.41 -20.04
C PRO D 177 11.89 20.86 -18.73
N ASN D 178 11.02 19.83 -18.70
CA ASN D 178 10.57 19.30 -17.42
C ASN D 178 11.64 18.51 -16.69
N LEU D 179 12.49 17.78 -17.42
CA LEU D 179 13.64 17.18 -16.77
C LEU D 179 14.59 18.26 -16.31
N THR D 180 14.67 19.38 -17.04
CA THR D 180 15.37 20.56 -16.54
C THR D 180 14.73 21.09 -15.25
N LYS D 181 13.39 21.08 -15.15
CA LYS D 181 12.72 21.46 -13.91
C LYS D 181 13.05 20.51 -12.77
N VAL D 182 13.13 19.21 -13.07
CA VAL D 182 13.65 18.26 -12.08
C VAL D 182 15.04 18.70 -11.64
N LYS D 183 15.91 18.92 -12.61
CA LYS D 183 17.28 19.38 -12.39
C LYS D 183 17.30 20.60 -11.49
N GLN D 184 16.48 21.59 -11.81
CA GLN D 184 16.43 22.81 -11.03
C GLN D 184 15.95 22.56 -9.61
N ASN D 185 14.82 21.87 -9.48
CA ASN D 185 14.23 21.56 -8.18
C ASN D 185 15.19 20.81 -7.27
N ILE D 186 15.97 19.90 -7.82
CA ILE D 186 16.88 19.17 -6.95
C ILE D 186 18.07 20.06 -6.60
N LEU D 187 18.59 20.83 -7.55
CA LEU D 187 19.64 21.78 -7.22
C LEU D 187 19.17 22.87 -6.27
N GLU D 188 17.87 23.13 -6.20
CA GLU D 188 17.36 24.13 -5.26
C GLU D 188 17.28 23.65 -3.82
N VAL D 189 17.35 22.36 -3.56
CA VAL D 189 17.27 21.84 -2.21
C VAL D 189 18.48 22.28 -1.39
N PRO D 190 18.29 22.95 -0.26
CA PRO D 190 19.43 23.53 0.47
C PRO D 190 20.52 22.54 0.84
N SER D 191 20.17 21.35 1.35
CA SER D 191 21.16 20.37 1.73
C SER D 191 21.92 19.81 0.53
N ILE D 192 21.28 19.78 -0.63
CA ILE D 192 21.96 19.37 -1.86
C ILE D 192 22.94 20.45 -2.30
N LYS D 193 22.51 21.71 -2.25
CA LYS D 193 23.42 22.81 -2.51
C LYS D 193 24.64 22.75 -1.59
N GLU D 194 24.40 22.55 -0.29
CA GLU D 194 25.49 22.47 0.67
C GLU D 194 26.46 21.34 0.34
N TRP D 195 25.94 20.16 0.05
CA TRP D 195 26.85 19.08 -0.34
C TRP D 195 27.63 19.37 -1.60
N ILE D 196 26.95 19.83 -2.65
CA ILE D 196 27.66 20.07 -3.90
C ILE D 196 28.73 21.13 -3.74
N LYS D 197 28.46 22.16 -2.95
CA LYS D 197 29.47 23.18 -2.66
C LYS D 197 30.63 22.61 -1.84
N LYS D 198 30.34 21.82 -0.82
CA LYS D 198 31.36 21.29 0.07
C LYS D 198 32.20 20.17 -0.57
N ARG D 199 31.60 19.29 -1.36
CA ARG D 199 32.32 18.13 -1.87
C ARG D 199 33.58 18.51 -2.64
N PRO D 200 34.59 17.65 -2.64
CA PRO D 200 35.77 17.90 -3.45
C PRO D 200 35.46 18.08 -4.92
N THR D 201 36.21 18.99 -5.54
CA THR D 201 36.21 19.19 -6.98
C THR D 201 37.08 18.10 -7.61
N ASN D 202 36.59 17.51 -8.69
CA ASN D 202 37.39 16.56 -9.46
C ASN D 202 37.87 17.15 -10.76
N PRO D 203 39.18 17.44 -10.91
CA PRO D 203 39.66 18.13 -12.12
C PRO D 203 39.49 17.32 -13.39
N MET D 204 39.10 16.05 -13.30
CA MET D 204 38.85 15.25 -14.48
C MET D 204 37.46 15.49 -15.03
N LEU D 205 36.63 16.22 -14.26
CA LEU D 205 35.26 16.57 -14.63
C LEU D 205 35.24 17.85 -15.49
N SER D 206 34.68 17.74 -16.70
CA SER D 206 34.36 18.94 -17.48
C SER D 206 33.05 19.57 -17.04
N PHE D 207 32.04 18.76 -16.64
CA PHE D 207 30.87 19.30 -15.96
C PHE D 207 31.01 19.13 -14.45
N ASP D 208 30.30 19.99 -13.73
CA ASP D 208 30.27 19.92 -12.28
C ASP D 208 29.07 20.74 -11.83
N LEU D 209 28.19 20.13 -11.03
CA LEU D 209 27.07 20.88 -10.48
C LEU D 209 27.55 22.04 -9.63
N LYS D 210 28.80 21.99 -9.17
CA LYS D 210 29.36 23.11 -8.44
C LYS D 210 29.28 24.38 -9.26
N SER D 211 29.40 24.28 -10.58
CA SER D 211 29.30 25.48 -11.41
C SER D 211 27.86 25.96 -11.64
N GLN D 212 26.86 25.24 -11.14
CA GLN D 212 25.46 25.57 -11.36
C GLN D 212 24.74 26.01 -10.09
N VAL D 213 25.48 26.12 -9.00
CA VAL D 213 24.90 26.46 -7.72
C VAL D 213 25.54 27.64 -7.02
#